data_4B7S
#
_entry.id   4B7S
#
_cell.length_a   61.246
_cell.length_b   92.023
_cell.length_c   69.525
_cell.angle_alpha   90.00
_cell.angle_beta   90.48
_cell.angle_gamma   90.00
#
_symmetry.space_group_name_H-M   'P 1 21 1'
#
loop_
_entity.id
_entity.type
_entity.pdbx_description
1 polymer 'CYTOCHROME P450 HYDROXYLASE PIKC'
2 non-polymer 'PROTOPORPHYRIN IX CONTAINING FE'
3 non-polymer 'SULFATE ION'
4 non-polymer '[(3R,4S,5S,7R,9E,11R,12R)-12-ethyl-3,5,7,11-tetramethyl-2,8-bis(oxidanylidene)-1-oxacyclododec-9-en-4-yl] 3-(dimethylamino)propanoate'
5 non-polymer GLYCEROL
6 water water
#
_entity_poly.entity_id   1
_entity_poly.type   'polypeptide(L)'
_entity_poly.pdbx_seq_one_letter_code
;MGSSHHHHHHSSGLVPRGSHMRRTQQGTTASPPVLDLGALGQDFAADPYPTYARLRAEGPAHRVRTPEGNEVWLVVGYDR
ARAVLADPRFSKDWRNSTTPLTEAEAALNHNMLESDPPRHTRLRKLVAREFTMRRVELLRPRVQEIVDGLVDAMLAAPDG
RADLMESLAWPLPITVISELLGVPEPDRAAFRVWTDAFVFPDDPAQAQTAMAEMSGYLSRLIDSKRGQDGEDLLSALVRT
SDEDGSRLTSEELLGMAHILLVAGHETTVNLIANGMYALLSHPDQLAALRADMTLLDGAVEEMLRYEGPVESATYRFPVE
PVDLDGTVIPAGDTVLVVLADAHRTPERFPDPHRFDIRRDTAGHLAFGHGIHFCIGAPLARLEARIAVRALLERCPDLAL
DVSPGELVWYPNPMIRGLKALPIRWRRGREAGRRTG
;
_entity_poly.pdbx_strand_id   A,B
#
loop_
_chem_comp.id
_chem_comp.type
_chem_comp.name
_chem_comp.formula
GOL non-polymer GLYCEROL 'C3 H8 O3'
HEM non-polymer 'PROTOPORPHYRIN IX CONTAINING FE' 'C34 H32 Fe N4 O4'
QLE non-polymer '[(3R,4S,5S,7R,9E,11R,12R)-12-ethyl-3,5,7,11-tetramethyl-2,8-bis(oxidanylidene)-1-oxacyclododec-9-en-4-yl] 3-(dimethylamino)propanoate' 'C22 H37 N O5'
SO4 non-polymer 'SULFATE ION' 'O4 S -2'
#
# COMPACT_ATOMS: atom_id res chain seq x y z
N ALA A 30 -1.64 36.42 22.93
CA ALA A 30 -1.29 35.18 22.16
C ALA A 30 -2.50 34.52 21.49
N SER A 31 -2.75 34.96 20.26
CA SER A 31 -3.72 34.39 19.38
C SER A 31 -3.03 33.82 18.12
N PRO A 32 -1.93 34.46 17.63
CA PRO A 32 -1.43 33.90 16.35
C PRO A 32 -0.56 32.65 16.66
N PRO A 33 -0.44 31.67 15.75
CA PRO A 33 0.46 30.54 16.07
C PRO A 33 1.90 30.97 16.04
N VAL A 34 2.74 30.31 16.84
CA VAL A 34 4.18 30.56 16.79
C VAL A 34 4.80 29.61 15.74
N LEU A 35 4.10 28.54 15.40
CA LEU A 35 4.66 27.54 14.49
C LEU A 35 3.54 26.88 13.76
N ASP A 36 3.78 26.61 12.47
CA ASP A 36 2.90 25.72 11.69
C ASP A 36 3.58 24.38 11.54
N LEU A 37 3.05 23.33 12.22
CA LEU A 37 3.78 22.07 12.29
C LEU A 37 3.74 21.40 10.95
N GLY A 38 2.68 21.69 10.20
CA GLY A 38 2.64 21.21 8.75
C GLY A 38 3.89 21.65 7.97
N ALA A 39 4.34 22.88 8.22
CA ALA A 39 5.44 23.41 7.42
C ALA A 39 6.74 22.70 7.78
N LEU A 40 6.76 22.00 8.93
CA LEU A 40 8.03 21.42 9.41
C LEU A 40 8.31 20.08 8.79
N GLY A 41 7.28 19.50 8.15
CA GLY A 41 7.47 18.38 7.23
C GLY A 41 7.81 17.09 7.95
N GLN A 42 8.35 16.13 7.21
CA GLN A 42 8.63 14.78 7.74
C GLN A 42 9.72 14.78 8.83
N ASP A 43 10.64 15.75 8.81
CA ASP A 43 11.64 15.84 9.92
C ASP A 43 10.97 15.90 11.29
N PHE A 44 9.97 16.79 11.42
CA PHE A 44 9.19 16.89 12.63
C PHE A 44 8.32 15.66 12.91
N ALA A 45 7.72 15.06 11.89
CA ALA A 45 7.00 13.78 12.10
C ALA A 45 7.94 12.68 12.69
N ALA A 46 9.12 12.45 12.12
CA ALA A 46 10.07 11.47 12.55
C ALA A 46 10.70 11.77 13.94
N ASP A 47 10.97 13.04 14.19
CA ASP A 47 11.70 13.37 15.39
C ASP A 47 11.19 14.72 15.86
N PRO A 48 10.02 14.73 16.55
CA PRO A 48 9.43 15.99 17.02
C PRO A 48 9.99 16.52 18.33
N TYR A 49 10.78 15.71 19.01
CA TYR A 49 11.20 16.05 20.36
C TYR A 49 11.94 17.36 20.57
N PRO A 50 12.88 17.72 19.67
CA PRO A 50 13.57 19.02 19.85
C PRO A 50 12.62 20.18 19.71
N THR A 51 11.59 20.05 18.85
CA THR A 51 10.56 21.08 18.77
C THR A 51 9.85 21.27 20.09
N TYR A 52 9.32 20.19 20.65
CA TYR A 52 8.61 20.30 21.91
C TYR A 52 9.51 20.84 23.04
N ALA A 53 10.74 20.38 23.05
CA ALA A 53 11.66 20.77 24.11
C ALA A 53 12.05 22.26 24.03
N ARG A 54 12.19 22.78 22.82
CA ARG A 54 12.52 24.24 22.68
C ARG A 54 11.36 25.04 23.21
N LEU A 55 10.14 24.62 22.85
CA LEU A 55 8.89 25.22 23.43
C LEU A 55 8.86 25.15 24.93
N ARG A 56 9.08 23.95 25.50
CA ARG A 56 9.10 23.79 26.96
C ARG A 56 10.08 24.79 27.60
N ALA A 57 11.23 25.05 26.99
CA ALA A 57 12.23 25.95 27.64
C ALA A 57 11.68 27.38 27.80
N GLU A 58 10.69 27.71 26.95
CA GLU A 58 10.11 29.04 26.84
C GLU A 58 8.97 29.17 27.85
N GLY A 59 8.22 28.07 28.04
CA GLY A 59 7.01 28.15 28.86
C GLY A 59 6.16 26.90 28.67
N PRO A 60 5.04 26.80 29.44
CA PRO A 60 4.26 25.58 29.43
C PRO A 60 3.23 25.44 28.29
N ALA A 61 2.91 26.51 27.55
CA ALA A 61 1.76 26.47 26.62
C ALA A 61 1.95 27.35 25.39
N HIS A 62 1.63 26.83 24.21
CA HIS A 62 2.07 27.49 22.97
C HIS A 62 1.03 27.28 21.88
N ARG A 63 0.77 28.34 21.13
CA ARG A 63 -0.18 28.29 20.05
C ARG A 63 0.54 27.73 18.83
N VAL A 64 -0.06 26.71 18.20
CA VAL A 64 0.48 26.17 16.98
C VAL A 64 -0.62 25.87 15.99
N ARG A 65 -0.25 25.64 14.73
CA ARG A 65 -1.22 25.20 13.78
C ARG A 65 -0.80 23.78 13.44
N THR A 66 -1.73 22.83 13.52
CA THR A 66 -1.36 21.46 13.28
C THR A 66 -1.22 21.28 11.77
N PRO A 67 -0.66 20.13 11.33
CA PRO A 67 -0.52 19.89 9.89
C PRO A 67 -1.85 19.90 9.20
N GLU A 68 -2.88 19.41 9.89
CA GLU A 68 -4.18 19.29 9.24
C GLU A 68 -4.84 20.62 9.18
N GLY A 69 -4.22 21.63 9.78
CA GLY A 69 -4.71 22.99 9.68
C GLY A 69 -5.46 23.56 10.86
N ASN A 70 -5.49 22.83 11.98
N ASN A 70 -5.56 22.83 11.97
CA ASN A 70 -6.20 23.26 13.19
CA ASN A 70 -6.26 23.36 13.14
C ASN A 70 -5.29 24.10 14.11
C ASN A 70 -5.27 24.17 13.98
N GLU A 71 -5.75 25.29 14.50
CA GLU A 71 -5.00 26.11 15.45
C GLU A 71 -5.33 25.77 16.90
N VAL A 72 -4.31 25.34 17.67
CA VAL A 72 -4.51 24.75 18.99
C VAL A 72 -3.43 25.21 19.96
N TRP A 73 -3.56 24.90 21.25
CA TRP A 73 -2.48 25.11 22.20
C TRP A 73 -1.78 23.78 22.48
N LEU A 74 -0.44 23.77 22.61
CA LEU A 74 0.26 22.61 23.17
C LEU A 74 0.63 22.90 24.61
N VAL A 75 0.45 21.94 25.51
CA VAL A 75 0.93 22.05 26.88
C VAL A 75 2.09 21.10 26.98
N VAL A 76 3.23 21.59 27.44
CA VAL A 76 4.46 20.78 27.43
C VAL A 76 5.04 20.79 28.83
N GLY A 77 5.98 19.88 29.11
CA GLY A 77 6.51 19.68 30.46
C GLY A 77 5.71 18.69 31.24
N TYR A 78 6.39 17.74 31.88
CA TYR A 78 5.71 16.70 32.66
C TYR A 78 4.70 17.18 33.71
N ASP A 79 5.13 18.00 34.67
CA ASP A 79 4.23 18.26 35.77
C ASP A 79 3.01 18.96 35.24
N ARG A 80 3.19 19.86 34.27
CA ARG A 80 2.06 20.60 33.78
C ARG A 80 1.16 19.64 32.96
N ALA A 81 1.78 18.75 32.20
CA ALA A 81 1.03 17.78 31.40
C ALA A 81 0.13 16.92 32.29
N ARG A 82 0.74 16.32 33.31
CA ARG A 82 0.03 15.51 34.24
C ARG A 82 -1.15 16.27 34.90
N ALA A 83 -0.93 17.52 35.32
CA ALA A 83 -1.99 18.29 36.00
C ALA A 83 -3.13 18.64 35.02
N VAL A 84 -2.79 19.03 33.80
CA VAL A 84 -3.86 19.45 32.88
C VAL A 84 -4.74 18.25 32.53
N LEU A 85 -4.11 17.08 32.34
CA LEU A 85 -4.83 15.84 31.97
C LEU A 85 -5.99 15.53 32.92
N ALA A 86 -5.80 15.82 34.20
CA ALA A 86 -6.77 15.50 35.23
C ALA A 86 -7.60 16.67 35.69
N ASP A 87 -7.20 17.89 35.32
CA ASP A 87 -7.81 19.13 35.80
C ASP A 87 -9.22 19.29 35.23
N PRO A 88 -10.26 19.34 36.11
CA PRO A 88 -11.64 19.53 35.66
C PRO A 88 -11.91 20.88 35.02
N ARG A 89 -11.00 21.84 35.17
CA ARG A 89 -11.15 23.09 34.42
C ARG A 89 -11.10 22.89 32.93
N PHE A 90 -10.48 21.77 32.49
CA PHE A 90 -10.31 21.43 31.08
C PHE A 90 -11.33 20.35 30.72
N SER A 91 -12.51 20.81 30.28
CA SER A 91 -13.59 19.92 29.82
C SER A 91 -13.21 19.13 28.57
N LYS A 92 -13.93 18.03 28.30
CA LYS A 92 -13.74 17.36 27.01
C LYS A 92 -15.01 17.50 26.14
N ASP A 93 -15.98 18.24 26.65
CA ASP A 93 -17.27 18.33 26.01
C ASP A 93 -17.23 19.47 25.01
N TRP A 94 -17.60 19.16 23.76
CA TRP A 94 -17.61 20.16 22.66
C TRP A 94 -18.53 21.35 22.94
N ARG A 95 -19.51 21.17 23.84
CA ARG A 95 -20.31 22.33 24.28
C ARG A 95 -19.45 23.42 24.90
N ASN A 96 -18.29 23.05 25.39
CA ASN A 96 -17.28 24.03 25.93
C ASN A 96 -16.22 24.57 24.97
N SER A 97 -16.33 24.18 23.72
CA SER A 97 -15.42 24.57 22.67
C SER A 97 -15.98 25.70 21.81
N THR A 98 -15.16 26.70 21.52
CA THR A 98 -15.67 27.75 20.64
C THR A 98 -15.56 27.28 19.18
N THR A 99 -14.79 26.22 18.89
CA THR A 99 -14.78 25.67 17.52
C THR A 99 -15.97 24.74 17.37
N PRO A 100 -16.83 24.95 16.35
CA PRO A 100 -17.95 24.02 16.27
C PRO A 100 -17.53 22.66 15.76
N LEU A 101 -18.28 21.63 16.10
CA LEU A 101 -18.18 20.34 15.43
C LEU A 101 -18.63 20.48 13.98
N THR A 102 -18.00 19.78 13.04
CA THR A 102 -18.57 19.60 11.67
C THR A 102 -19.75 18.62 11.73
N GLU A 103 -20.55 18.54 10.67
CA GLU A 103 -21.69 17.59 10.68
C GLU A 103 -21.25 16.17 10.88
N ALA A 104 -20.14 15.79 10.23
CA ALA A 104 -19.70 14.39 10.36
C ALA A 104 -19.19 14.14 11.78
N GLU A 105 -18.52 15.13 12.38
CA GLU A 105 -17.98 14.97 13.72
C GLU A 105 -19.12 14.91 14.75
N ALA A 106 -20.18 15.66 14.47
CA ALA A 106 -21.33 15.77 15.35
C ALA A 106 -22.14 14.50 15.43
N ALA A 107 -21.89 13.54 14.56
CA ALA A 107 -22.63 12.31 14.62
C ALA A 107 -22.01 11.36 15.67
N LEU A 108 -20.81 11.71 16.12
CA LEU A 108 -19.95 10.77 16.79
C LEU A 108 -19.49 11.25 18.18
N ASN A 109 -19.74 12.51 18.51
CA ASN A 109 -19.17 13.05 19.77
C ASN A 109 -19.83 12.64 21.12
N HIS A 110 -20.94 11.89 21.04
CA HIS A 110 -21.64 11.51 22.29
C HIS A 110 -21.04 10.23 22.84
N ASN A 111 -19.73 10.32 23.17
CA ASN A 111 -18.95 9.19 23.67
C ASN A 111 -18.25 9.65 24.96
N MET A 112 -17.76 8.68 25.72
CA MET A 112 -17.20 9.04 27.05
C MET A 112 -16.01 9.93 26.94
N LEU A 113 -15.15 9.71 25.94
CA LEU A 113 -13.93 10.53 25.85
C LEU A 113 -14.19 11.97 25.46
N GLU A 114 -15.38 12.21 24.92
CA GLU A 114 -15.76 13.54 24.58
C GLU A 114 -16.91 13.99 25.43
N SER A 115 -16.89 13.61 26.72
CA SER A 115 -17.91 14.04 27.71
C SER A 115 -17.23 14.33 29.03
N ASP A 116 -17.89 15.12 29.90
CA ASP A 116 -17.49 15.25 31.29
C ASP A 116 -18.54 14.56 32.18
N PRO A 117 -18.29 14.49 33.53
CA PRO A 117 -19.29 13.95 34.46
C PRO A 117 -20.46 14.91 34.40
N PRO A 118 -21.72 14.42 34.47
CA PRO A 118 -22.17 13.06 34.78
C PRO A 118 -22.25 12.15 33.55
N ARG A 119 -22.19 12.70 32.33
CA ARG A 119 -22.33 11.84 31.17
C ARG A 119 -21.17 10.89 31.06
N HIS A 120 -19.96 11.39 31.30
CA HIS A 120 -18.81 10.53 31.22
C HIS A 120 -19.02 9.35 32.19
N THR A 121 -19.40 9.65 33.43
CA THR A 121 -19.59 8.62 34.47
C THR A 121 -20.61 7.54 34.03
N ARG A 122 -21.74 7.95 33.53
CA ARG A 122 -22.81 7.01 33.12
C ARG A 122 -22.32 6.14 31.97
N LEU A 123 -21.70 6.78 30.98
CA LEU A 123 -21.30 6.07 29.77
C LEU A 123 -20.22 5.02 30.05
N ARG A 124 -19.25 5.38 30.89
CA ARG A 124 -18.15 4.47 31.15
C ARG A 124 -18.63 3.28 32.04
N LYS A 125 -19.56 3.54 32.95
CA LYS A 125 -20.16 2.40 33.77
C LYS A 125 -20.79 1.28 32.94
N LEU A 126 -21.33 1.64 31.76
CA LEU A 126 -21.96 0.68 30.84
C LEU A 126 -20.98 -0.38 30.32
N VAL A 127 -19.70 -0.04 30.24
CA VAL A 127 -18.71 -1.00 29.67
C VAL A 127 -17.56 -1.36 30.57
N ALA A 128 -17.52 -0.73 31.76
CA ALA A 128 -16.35 -0.87 32.66
C ALA A 128 -16.04 -2.36 32.96
N ARG A 129 -17.08 -3.18 33.12
CA ARG A 129 -16.88 -4.58 33.57
C ARG A 129 -16.23 -5.39 32.47
N GLU A 130 -16.47 -4.97 31.23
CA GLU A 130 -15.94 -5.69 30.04
C GLU A 130 -14.43 -5.58 29.97
N PHE A 131 -13.91 -4.52 30.56
CA PHE A 131 -12.50 -4.19 30.36
C PHE A 131 -11.58 -4.27 31.58
N THR A 132 -12.04 -4.89 32.68
CA THR A 132 -11.17 -5.04 33.86
C THR A 132 -10.08 -5.99 33.56
N MET A 133 -9.00 -5.87 34.31
CA MET A 133 -7.91 -6.82 34.14
C MET A 133 -8.39 -8.30 34.20
N ARG A 134 -9.30 -8.60 35.12
CA ARG A 134 -9.68 -10.01 35.27
C ARG A 134 -10.58 -10.47 34.13
N ARG A 135 -11.44 -9.60 33.59
CA ARG A 135 -12.30 -9.99 32.47
C ARG A 135 -11.42 -10.19 31.26
N VAL A 136 -10.52 -9.26 31.02
CA VAL A 136 -9.62 -9.33 29.85
C VAL A 136 -8.68 -10.52 29.89
N GLU A 137 -8.27 -10.95 31.11
CA GLU A 137 -7.48 -12.16 31.26
C GLU A 137 -8.12 -13.36 30.58
N LEU A 138 -9.44 -13.41 30.53
CA LEU A 138 -10.14 -14.56 29.93
C LEU A 138 -9.92 -14.65 28.39
N LEU A 139 -9.40 -13.57 27.80
CA LEU A 139 -9.11 -13.53 26.36
C LEU A 139 -7.74 -14.03 26.02
N ARG A 140 -6.92 -14.28 27.07
CA ARG A 140 -5.53 -14.69 26.87
C ARG A 140 -5.40 -15.88 25.89
N PRO A 141 -6.21 -16.94 26.06
CA PRO A 141 -6.01 -18.06 25.10
C PRO A 141 -6.26 -17.64 23.64
N ARG A 142 -7.25 -16.82 23.42
CA ARG A 142 -7.59 -16.35 22.09
C ARG A 142 -6.54 -15.36 21.60
N VAL A 143 -6.11 -14.44 22.43
CA VAL A 143 -5.07 -13.53 21.99
C VAL A 143 -3.78 -14.30 21.64
N GLN A 144 -3.43 -15.28 22.48
CA GLN A 144 -2.29 -16.12 22.20
C GLN A 144 -2.44 -16.85 20.85
N GLU A 145 -3.64 -17.33 20.57
CA GLU A 145 -3.86 -18.12 19.36
C GLU A 145 -3.74 -17.23 18.11
N ILE A 146 -4.30 -16.04 18.20
CA ILE A 146 -4.19 -15.05 17.10
C ILE A 146 -2.73 -14.73 16.79
N VAL A 147 -1.96 -14.47 17.85
CA VAL A 147 -0.55 -14.10 17.72
C VAL A 147 0.19 -15.25 17.08
N ASP A 148 0.01 -16.46 17.59
CA ASP A 148 0.77 -17.65 17.17
C ASP A 148 0.48 -17.93 15.69
N GLY A 149 -0.78 -17.81 15.30
CA GLY A 149 -1.18 -18.01 13.90
C GLY A 149 -0.54 -16.95 13.00
N LEU A 150 -0.53 -15.70 13.44
CA LEU A 150 0.07 -14.62 12.66
C LEU A 150 1.54 -14.76 12.50
N VAL A 151 2.21 -15.09 13.61
CA VAL A 151 3.65 -15.39 13.68
C VAL A 151 4.05 -16.62 12.87
N ASP A 152 3.28 -17.72 12.97
CA ASP A 152 3.53 -18.88 12.07
C ASP A 152 3.52 -18.42 10.58
N ALA A 153 2.54 -17.65 10.19
CA ALA A 153 2.42 -17.28 8.74
C ALA A 153 3.61 -16.41 8.32
N MET A 154 3.86 -15.37 9.08
CA MET A 154 5.06 -14.53 8.87
C MET A 154 6.33 -15.33 8.74
N LEU A 155 6.51 -16.29 9.64
CA LEU A 155 7.74 -17.11 9.64
C LEU A 155 7.88 -18.04 8.41
N ALA A 156 6.81 -18.22 7.64
CA ALA A 156 6.87 -19.06 6.42
C ALA A 156 7.53 -18.35 5.22
N ALA A 157 7.81 -17.04 5.30
CA ALA A 157 8.49 -16.33 4.17
C ALA A 157 9.88 -16.98 3.95
N PRO A 158 10.15 -17.58 2.75
CA PRO A 158 11.39 -18.34 2.62
C PRO A 158 12.65 -17.50 2.75
N ASP A 159 12.54 -16.19 2.47
CA ASP A 159 13.64 -15.25 2.62
C ASP A 159 13.86 -14.69 4.03
N GLY A 160 12.98 -15.03 4.98
CA GLY A 160 13.15 -14.52 6.32
C GLY A 160 13.03 -13.01 6.46
N ARG A 161 12.17 -12.42 5.65
CA ARG A 161 11.92 -10.98 5.67
C ARG A 161 10.42 -10.80 5.60
N ALA A 162 9.93 -9.85 6.39
CA ALA A 162 8.52 -9.45 6.35
C ALA A 162 8.35 -8.03 6.81
N ASP A 163 7.14 -7.50 6.63
CA ASP A 163 6.76 -6.26 7.22
C ASP A 163 6.01 -6.57 8.54
N LEU A 164 6.53 -6.16 9.70
CA LEU A 164 6.00 -6.54 11.03
C LEU A 164 4.65 -5.86 11.21
N MET A 165 4.53 -4.66 10.64
CA MET A 165 3.31 -3.90 10.72
C MET A 165 2.20 -4.69 9.98
N GLU A 166 2.53 -5.16 8.77
CA GLU A 166 1.54 -5.89 7.96
C GLU A 166 1.25 -7.25 8.53
N SER A 167 2.30 -7.93 9.00
CA SER A 167 2.15 -9.30 9.49
C SER A 167 1.55 -9.49 10.85
N LEU A 168 1.78 -8.51 11.74
CA LEU A 168 1.40 -8.72 13.09
C LEU A 168 0.73 -7.55 13.72
N ALA A 169 1.33 -6.36 13.66
CA ALA A 169 0.86 -5.20 14.49
C ALA A 169 -0.52 -4.70 14.05
N TRP A 170 -0.79 -4.75 12.75
CA TRP A 170 -2.11 -4.32 12.26
C TRP A 170 -3.21 -5.41 12.52
N PRO A 171 -2.97 -6.67 12.14
CA PRO A 171 -4.10 -7.59 12.24
C PRO A 171 -4.47 -8.05 13.64
N LEU A 172 -3.53 -8.06 14.61
CA LEU A 172 -3.85 -8.56 15.94
C LEU A 172 -4.93 -7.68 16.62
N PRO A 173 -4.69 -6.36 16.74
CA PRO A 173 -5.68 -5.59 17.52
C PRO A 173 -7.05 -5.49 16.87
N ILE A 174 -7.11 -5.28 15.55
CA ILE A 174 -8.42 -5.28 14.84
C ILE A 174 -9.16 -6.63 15.00
N THR A 175 -8.44 -7.76 15.07
CA THR A 175 -9.12 -9.07 15.27
C THR A 175 -9.71 -9.12 16.66
N VAL A 176 -8.89 -8.74 17.64
CA VAL A 176 -9.38 -8.86 19.01
C VAL A 176 -10.59 -8.00 19.25
N ILE A 177 -10.51 -6.71 18.89
CA ILE A 177 -11.58 -5.77 19.17
C ILE A 177 -12.84 -6.10 18.31
N SER A 178 -12.66 -6.59 17.09
CA SER A 178 -13.83 -6.97 16.27
C SER A 178 -14.61 -8.16 16.85
N GLU A 179 -13.92 -9.19 17.29
CA GLU A 179 -14.55 -10.32 17.97
C GLU A 179 -15.36 -9.84 19.20
N LEU A 180 -14.77 -8.94 19.99
CA LEU A 180 -15.46 -8.43 21.16
C LEU A 180 -16.74 -7.69 20.82
N LEU A 181 -16.65 -6.82 19.82
CA LEU A 181 -17.71 -5.89 19.44
C LEU A 181 -18.69 -6.55 18.47
N GLY A 182 -18.27 -7.53 17.67
CA GLY A 182 -19.18 -8.12 16.70
C GLY A 182 -19.12 -7.50 15.31
N VAL A 183 -17.90 -7.18 14.88
CA VAL A 183 -17.64 -6.68 13.54
C VAL A 183 -17.27 -7.89 12.70
N PRO A 184 -18.13 -8.24 11.70
CA PRO A 184 -17.86 -9.40 10.83
C PRO A 184 -16.49 -9.31 10.17
N GLU A 185 -15.79 -10.43 9.96
CA GLU A 185 -14.42 -10.36 9.45
C GLU A 185 -14.26 -9.59 8.08
N PRO A 186 -15.22 -9.76 7.13
CA PRO A 186 -15.05 -8.99 5.84
C PRO A 186 -15.12 -7.47 5.95
N ASP A 187 -15.69 -6.97 7.08
CA ASP A 187 -15.83 -5.53 7.32
C ASP A 187 -14.59 -4.91 7.98
N ARG A 188 -13.64 -5.74 8.45
CA ARG A 188 -12.52 -5.24 9.26
C ARG A 188 -11.45 -4.43 8.49
N ALA A 189 -11.12 -4.86 7.28
CA ALA A 189 -10.12 -4.15 6.50
C ALA A 189 -10.53 -2.67 6.25
N ALA A 190 -11.82 -2.36 6.08
CA ALA A 190 -12.26 -0.97 5.90
C ALA A 190 -11.78 -0.04 7.04
N PHE A 191 -11.62 -0.59 8.25
CA PHE A 191 -11.19 0.24 9.41
C PHE A 191 -9.74 0.69 9.31
N ARG A 192 -8.91 -0.07 8.60
CA ARG A 192 -7.54 0.35 8.41
C ARG A 192 -7.53 1.62 7.57
N VAL A 193 -8.37 1.60 6.55
CA VAL A 193 -8.50 2.69 5.61
C VAL A 193 -9.04 3.95 6.30
N TRP A 194 -10.08 3.82 7.14
CA TRP A 194 -10.74 4.98 7.71
C TRP A 194 -9.85 5.63 8.74
N THR A 195 -9.33 4.74 9.57
CA THR A 195 -8.53 5.12 10.68
C THR A 195 -7.21 5.79 10.14
N ASP A 196 -6.58 5.27 9.06
CA ASP A 196 -5.46 5.99 8.41
C ASP A 196 -5.88 7.37 7.89
N ALA A 197 -7.08 7.44 7.30
CA ALA A 197 -7.57 8.69 6.76
C ALA A 197 -7.71 9.71 7.87
N PHE A 198 -8.25 9.31 9.04
CA PHE A 198 -8.30 10.31 10.12
C PHE A 198 -7.07 10.62 10.93
N VAL A 199 -6.00 9.82 10.78
CA VAL A 199 -4.66 10.08 11.36
C VAL A 199 -3.85 10.96 10.43
N PHE A 200 -3.63 10.47 9.21
CA PHE A 200 -2.91 11.19 8.16
C PHE A 200 -3.78 11.45 6.90
N PRO A 201 -4.72 12.38 6.96
CA PRO A 201 -5.53 12.57 5.73
C PRO A 201 -4.69 13.19 4.61
N ASP A 202 -4.99 12.85 3.37
CA ASP A 202 -4.55 13.63 2.20
C ASP A 202 -4.95 15.13 2.34
N ASP A 203 -6.22 15.39 2.69
CA ASP A 203 -6.70 16.75 2.97
C ASP A 203 -7.86 16.74 3.99
N PRO A 204 -8.24 17.94 4.51
CA PRO A 204 -9.31 17.97 5.52
C PRO A 204 -10.61 17.26 5.06
N ALA A 205 -10.98 17.39 3.79
CA ALA A 205 -12.09 16.63 3.21
C ALA A 205 -12.02 15.11 3.46
N GLN A 206 -10.83 14.54 3.30
CA GLN A 206 -10.67 13.09 3.41
C GLN A 206 -10.96 12.55 4.80
N ALA A 207 -10.55 13.29 5.83
CA ALA A 207 -10.83 12.89 7.21
C ALA A 207 -12.34 12.96 7.41
N GLN A 208 -12.98 14.00 6.88
CA GLN A 208 -14.44 14.18 7.06
C GLN A 208 -15.24 13.10 6.34
N THR A 209 -14.82 12.77 5.11
CA THR A 209 -15.42 11.64 4.38
C THR A 209 -15.27 10.27 5.13
N ALA A 210 -14.05 9.94 5.56
CA ALA A 210 -13.80 8.76 6.43
C ALA A 210 -14.76 8.61 7.57
N MET A 211 -14.90 9.70 8.32
CA MET A 211 -15.77 9.77 9.45
C MET A 211 -17.21 9.46 9.07
N ALA A 212 -17.77 10.20 8.09
CA ALA A 212 -19.10 9.88 7.59
C ALA A 212 -19.29 8.42 7.13
N GLU A 213 -18.28 7.85 6.46
CA GLU A 213 -18.38 6.48 5.93
C GLU A 213 -18.41 5.50 7.07
N MET A 214 -17.54 5.71 8.07
CA MET A 214 -17.44 4.79 9.22
C MET A 214 -18.69 4.83 10.06
N SER A 215 -19.09 6.06 10.33
CA SER A 215 -20.32 6.35 11.01
C SER A 215 -21.55 5.69 10.36
N GLY A 216 -21.76 5.95 9.06
CA GLY A 216 -22.76 5.19 8.29
C GLY A 216 -22.62 3.66 8.46
N TYR A 217 -21.40 3.15 8.29
CA TYR A 217 -21.21 1.71 8.43
C TYR A 217 -21.64 1.18 9.83
N LEU A 218 -21.18 1.87 10.88
CA LEU A 218 -21.49 1.50 12.28
C LEU A 218 -22.98 1.56 12.55
N SER A 219 -23.67 2.58 12.03
CA SER A 219 -25.12 2.68 12.16
C SER A 219 -25.85 1.50 11.53
N ARG A 220 -25.38 1.06 10.37
CA ARG A 220 -25.91 -0.11 9.72
C ARG A 220 -25.61 -1.40 10.51
N LEU A 221 -24.37 -1.52 11.01
CA LEU A 221 -23.98 -2.66 11.83
C LEU A 221 -24.84 -2.72 13.10
N ILE A 222 -24.94 -1.60 13.81
CA ILE A 222 -25.87 -1.50 14.93
C ILE A 222 -27.30 -1.99 14.58
N ASP A 223 -27.88 -1.44 13.50
N ASP A 223 -27.88 -1.48 13.50
CA ASP A 223 -29.16 -1.90 12.95
CA ASP A 223 -29.21 -1.93 13.11
C ASP A 223 -29.23 -3.40 12.75
C ASP A 223 -29.28 -3.41 12.67
N SER A 224 -28.21 -3.96 12.09
CA SER A 224 -28.20 -5.39 11.74
C SER A 224 -28.20 -6.29 12.99
N LYS A 225 -27.92 -5.69 14.16
CA LYS A 225 -27.92 -6.46 15.42
C LYS A 225 -29.31 -6.61 16.03
N ARG A 226 -30.23 -5.66 15.79
CA ARG A 226 -31.51 -5.66 16.47
C ARG A 226 -32.30 -6.88 16.08
N GLY A 227 -32.87 -7.53 17.09
CA GLY A 227 -33.67 -8.74 16.90
C GLY A 227 -32.81 -9.95 16.56
N GLN A 228 -31.48 -9.85 16.62
CA GLN A 228 -30.68 -11.00 16.14
C GLN A 228 -30.13 -11.86 17.26
N ASP A 229 -30.35 -11.45 18.50
CA ASP A 229 -29.92 -12.23 19.67
C ASP A 229 -28.43 -12.49 19.76
N GLY A 230 -27.63 -11.54 19.26
CA GLY A 230 -26.20 -11.74 19.35
C GLY A 230 -25.75 -11.56 20.80
N GLU A 231 -24.62 -12.19 21.11
CA GLU A 231 -24.01 -12.09 22.45
C GLU A 231 -22.76 -11.20 22.53
N ASP A 232 -22.37 -10.58 21.41
CA ASP A 232 -21.22 -9.67 21.39
C ASP A 232 -21.59 -8.39 22.15
N LEU A 233 -20.60 -7.57 22.42
CA LEU A 233 -20.81 -6.36 23.20
C LEU A 233 -21.78 -5.35 22.51
N LEU A 234 -21.63 -5.14 21.22
CA LEU A 234 -22.51 -4.27 20.47
C LEU A 234 -23.98 -4.74 20.55
N SER A 235 -24.24 -6.01 20.29
CA SER A 235 -25.61 -6.56 20.55
C SER A 235 -26.17 -6.26 21.95
N ALA A 236 -25.35 -6.43 23.01
CA ALA A 236 -25.79 -6.14 24.37
C ALA A 236 -26.11 -4.65 24.56
N LEU A 237 -25.26 -3.80 24.01
CA LEU A 237 -25.51 -2.34 24.07
C LEU A 237 -26.76 -1.95 23.27
N VAL A 238 -26.99 -2.58 22.13
CA VAL A 238 -28.20 -2.28 21.33
C VAL A 238 -29.43 -2.57 22.18
N ARG A 239 -29.42 -3.70 22.92
CA ARG A 239 -30.62 -4.03 23.67
C ARG A 239 -30.73 -3.04 24.80
N THR A 240 -29.60 -2.74 25.44
CA THR A 240 -29.64 -1.78 26.56
C THR A 240 -30.28 -0.43 26.15
N SER A 241 -29.90 0.07 24.96
CA SER A 241 -30.39 1.36 24.48
C SER A 241 -31.86 1.24 24.06
N ASP A 242 -32.21 0.18 23.31
CA ASP A 242 -33.63 -0.05 22.93
C ASP A 242 -34.57 -0.24 24.11
N GLU A 243 -34.10 -0.91 25.18
CA GLU A 243 -34.95 -1.10 26.38
C GLU A 243 -35.17 0.23 27.11
N ASP A 244 -34.15 1.09 27.15
CA ASP A 244 -34.27 2.38 27.84
C ASP A 244 -33.28 3.41 27.25
N GLY A 245 -33.83 4.29 26.42
CA GLY A 245 -33.00 5.25 25.71
C GLY A 245 -32.48 6.31 26.63
N SER A 246 -33.05 6.44 27.82
CA SER A 246 -32.51 7.38 28.78
C SER A 246 -31.16 6.81 29.36
N ARG A 247 -30.97 5.49 29.30
CA ARG A 247 -29.71 4.93 29.85
C ARG A 247 -28.57 4.95 28.83
N LEU A 248 -28.94 4.80 27.55
CA LEU A 248 -27.99 4.82 26.46
C LEU A 248 -28.73 5.24 25.18
N THR A 249 -28.49 6.46 24.71
CA THR A 249 -29.28 7.00 23.57
C THR A 249 -28.77 6.41 22.29
N SER A 250 -29.56 6.43 21.21
CA SER A 250 -29.04 5.95 19.90
C SER A 250 -27.75 6.70 19.43
N GLU A 251 -27.64 7.99 19.73
CA GLU A 251 -26.37 8.72 19.41
C GLU A 251 -25.21 8.26 20.27
N GLU A 252 -25.50 7.95 21.54
CA GLU A 252 -24.46 7.44 22.45
C GLU A 252 -24.13 6.01 22.06
N LEU A 253 -25.12 5.26 21.56
CA LEU A 253 -24.86 3.91 21.14
C LEU A 253 -23.82 3.94 20.01
N LEU A 254 -23.99 4.84 19.05
CA LEU A 254 -23.05 4.96 17.92
C LEU A 254 -21.70 5.45 18.37
N GLY A 255 -21.70 6.46 19.24
CA GLY A 255 -20.42 7.02 19.76
C GLY A 255 -19.60 5.96 20.54
N MET A 256 -20.31 5.08 21.29
CA MET A 256 -19.63 4.00 22.06
C MET A 256 -18.97 3.05 21.08
N ALA A 257 -19.71 2.70 20.02
CA ALA A 257 -19.14 1.76 19.04
C ALA A 257 -17.95 2.44 18.41
N HIS A 258 -18.11 3.68 17.99
CA HIS A 258 -16.97 4.36 17.36
C HIS A 258 -15.73 4.41 18.31
N ILE A 259 -15.94 4.78 19.57
CA ILE A 259 -14.80 5.08 20.47
C ILE A 259 -14.07 3.78 20.83
N LEU A 260 -14.85 2.73 21.13
CA LEU A 260 -14.22 1.44 21.45
C LEU A 260 -13.40 0.92 20.28
N LEU A 261 -13.80 1.22 19.06
CA LEU A 261 -13.05 0.73 17.84
C LEU A 261 -11.81 1.54 17.48
N VAL A 262 -11.99 2.86 17.44
CA VAL A 262 -10.96 3.80 17.05
C VAL A 262 -9.99 4.02 18.20
N ALA A 263 -10.48 4.31 19.41
CA ALA A 263 -9.59 4.75 20.53
C ALA A 263 -8.51 3.73 20.83
N GLY A 264 -8.87 2.48 20.68
CA GLY A 264 -7.94 1.45 20.96
C GLY A 264 -7.16 1.01 19.76
N HIS A 265 -7.52 1.51 18.56
CA HIS A 265 -7.01 0.93 17.31
C HIS A 265 -5.64 1.41 16.89
N GLU A 266 -5.55 2.64 16.40
CA GLU A 266 -4.25 3.22 15.99
C GLU A 266 -3.28 3.10 17.16
N THR A 267 -3.81 3.14 18.40
CA THR A 267 -2.91 3.13 19.54
C THR A 267 -2.27 1.77 19.67
N THR A 268 -3.10 0.71 19.71
CA THR A 268 -2.52 -0.56 20.02
C THR A 268 -1.62 -0.98 18.87
N VAL A 269 -2.08 -0.80 17.62
CA VAL A 269 -1.27 -1.19 16.44
C VAL A 269 0.15 -0.53 16.54
N ASN A 270 0.16 0.75 16.82
CA ASN A 270 1.39 1.54 16.81
C ASN A 270 2.21 1.30 18.09
N LEU A 271 1.60 0.95 19.21
CA LEU A 271 2.40 0.51 20.35
C LEU A 271 3.25 -0.69 19.94
N ILE A 272 2.59 -1.65 19.30
CA ILE A 272 3.31 -2.85 18.97
C ILE A 272 4.45 -2.55 18.01
N ALA A 273 4.19 -1.76 16.98
CA ALA A 273 5.20 -1.55 15.95
C ALA A 273 6.19 -0.55 16.53
N ASN A 274 5.74 0.55 17.13
CA ASN A 274 6.72 1.54 17.71
C ASN A 274 7.65 0.89 18.72
N GLY A 275 7.08 0.06 19.61
CA GLY A 275 7.90 -0.62 20.61
C GLY A 275 8.87 -1.63 20.05
N MET A 276 8.46 -2.41 19.06
CA MET A 276 9.39 -3.34 18.47
C MET A 276 10.43 -2.55 17.72
N TYR A 277 10.03 -1.42 17.13
CA TYR A 277 11.07 -0.58 16.49
C TYR A 277 12.09 -0.11 17.52
N ALA A 278 11.61 0.35 18.68
CA ALA A 278 12.57 0.84 19.74
C ALA A 278 13.50 -0.29 20.23
N LEU A 279 12.94 -1.50 20.40
CA LEU A 279 13.70 -2.65 20.88
C LEU A 279 14.75 -3.04 19.83
N LEU A 280 14.32 -3.11 18.56
CA LEU A 280 15.23 -3.52 17.48
C LEU A 280 16.28 -2.46 17.10
N SER A 281 16.00 -1.20 17.37
CA SER A 281 16.96 -0.17 17.08
C SER A 281 17.93 0.06 18.27
N HIS A 282 17.79 -0.76 19.35
CA HIS A 282 18.62 -0.65 20.57
C HIS A 282 19.02 -2.06 20.93
N PRO A 283 20.06 -2.56 20.27
CA PRO A 283 20.38 -3.99 20.32
C PRO A 283 20.80 -4.52 21.72
N ASP A 284 21.44 -3.67 22.50
CA ASP A 284 21.79 -3.94 23.86
C ASP A 284 20.54 -4.30 24.71
N GLN A 285 19.42 -3.58 24.46
CA GLN A 285 18.16 -3.72 25.18
C GLN A 285 17.39 -4.95 24.73
N LEU A 286 17.36 -5.20 23.42
CA LEU A 286 16.86 -6.45 22.88
C LEU A 286 17.62 -7.66 23.49
N ALA A 287 18.94 -7.54 23.54
CA ALA A 287 19.75 -8.61 24.11
C ALA A 287 19.46 -8.79 25.60
N ALA A 288 19.37 -7.68 26.36
CA ALA A 288 18.98 -7.80 27.78
C ALA A 288 17.68 -8.58 27.98
N LEU A 289 16.67 -8.23 27.18
CA LEU A 289 15.33 -8.80 27.29
C LEU A 289 15.37 -10.29 26.90
N ARG A 290 16.09 -10.63 25.83
CA ARG A 290 16.20 -12.04 25.46
C ARG A 290 16.85 -12.86 26.60
N ALA A 291 17.87 -12.28 27.24
CA ALA A 291 18.60 -12.98 28.33
C ALA A 291 17.79 -13.06 29.63
N ASP A 292 16.87 -12.13 29.83
CA ASP A 292 16.02 -12.16 30.99
C ASP A 292 14.62 -11.74 30.61
N MET A 293 13.84 -12.70 30.12
CA MET A 293 12.45 -12.47 29.74
C MET A 293 11.51 -11.97 30.88
N THR A 294 11.94 -12.03 32.14
CA THR A 294 11.09 -11.42 33.23
C THR A 294 11.12 -9.89 33.13
N LEU A 295 12.05 -9.37 32.29
CA LEU A 295 12.06 -7.94 31.97
C LEU A 295 10.89 -7.50 31.06
N LEU A 296 10.05 -8.43 30.64
CA LEU A 296 9.07 -8.16 29.55
C LEU A 296 8.10 -7.06 29.94
N ASP A 297 7.47 -7.18 31.12
CA ASP A 297 6.46 -6.15 31.48
C ASP A 297 7.13 -4.77 31.52
N GLY A 298 8.30 -4.67 32.15
CA GLY A 298 8.99 -3.39 32.25
C GLY A 298 9.38 -2.89 30.86
N ALA A 299 9.78 -3.79 29.96
CA ALA A 299 10.09 -3.39 28.57
C ALA A 299 8.90 -2.73 27.87
N VAL A 300 7.71 -3.34 28.01
CA VAL A 300 6.50 -2.80 27.34
C VAL A 300 6.13 -1.44 27.96
N GLU A 301 6.27 -1.32 29.27
CA GLU A 301 6.09 0.00 29.93
C GLU A 301 7.09 1.07 29.38
N GLU A 302 8.34 0.67 29.10
CA GLU A 302 9.35 1.63 28.54
C GLU A 302 9.06 1.90 27.06
N MET A 303 8.48 0.93 26.34
CA MET A 303 7.96 1.22 25.01
C MET A 303 6.93 2.32 25.08
N LEU A 304 6.01 2.22 26.03
CA LEU A 304 4.96 3.20 26.18
C LEU A 304 5.54 4.59 26.50
N ARG A 305 6.49 4.61 27.42
CA ARG A 305 7.15 5.84 27.85
C ARG A 305 7.99 6.45 26.72
N TYR A 306 8.73 5.62 26.02
CA TYR A 306 9.75 6.11 25.09
C TYR A 306 9.16 6.29 23.66
N GLU A 307 8.30 5.36 23.23
CA GLU A 307 7.73 5.31 21.91
C GLU A 307 6.23 5.14 21.91
N GLY A 308 5.53 5.73 22.88
CA GLY A 308 4.11 5.40 22.95
C GLY A 308 3.40 6.06 21.77
N PRO A 309 2.26 5.50 21.36
CA PRO A 309 1.50 5.92 20.21
C PRO A 309 0.71 7.24 20.36
N VAL A 310 0.36 7.61 21.59
CA VAL A 310 -0.35 8.86 21.81
C VAL A 310 0.71 9.97 22.08
N GLU A 311 1.06 10.71 21.05
CA GLU A 311 2.01 11.75 21.17
C GLU A 311 1.45 12.94 21.96
N SER A 312 0.19 13.29 21.68
CA SER A 312 -0.58 14.35 22.34
C SER A 312 -2.00 13.81 22.60
N ALA A 313 -2.52 14.14 23.77
CA ALA A 313 -3.79 13.68 24.27
C ALA A 313 -4.93 14.29 23.46
N THR A 314 -6.13 13.76 23.65
CA THR A 314 -7.32 14.30 22.92
C THR A 314 -7.72 15.68 23.35
N TYR A 315 -8.49 16.38 22.50
CA TYR A 315 -8.83 17.80 22.81
C TYR A 315 -9.36 18.11 24.20
N ARG A 316 -8.75 19.11 24.83
CA ARG A 316 -9.33 19.74 26.03
C ARG A 316 -9.77 21.17 25.78
N PHE A 317 -10.76 21.61 26.55
CA PHE A 317 -11.31 22.96 26.30
C PHE A 317 -11.47 23.57 27.66
N PRO A 318 -10.69 24.63 27.99
CA PRO A 318 -10.87 25.30 29.27
C PRO A 318 -12.27 25.88 29.41
N VAL A 319 -12.93 25.62 30.54
CA VAL A 319 -14.28 26.15 30.76
C VAL A 319 -14.24 27.62 31.19
N GLU A 320 -13.08 28.10 31.57
CA GLU A 320 -12.84 29.50 31.90
C GLU A 320 -11.36 29.75 31.53
N PRO A 321 -10.93 31.05 31.40
CA PRO A 321 -9.54 31.30 31.07
C PRO A 321 -8.67 30.61 32.12
N VAL A 322 -7.57 29.96 31.70
CA VAL A 322 -6.71 29.29 32.64
C VAL A 322 -5.33 29.85 32.52
N ASP A 323 -4.75 30.24 33.65
CA ASP A 323 -3.38 30.80 33.67
C ASP A 323 -2.36 29.70 33.96
N LEU A 324 -1.45 29.45 33.02
CA LEU A 324 -0.38 28.50 33.23
C LEU A 324 0.95 29.26 33.31
N ASP A 325 1.40 29.52 34.53
CA ASP A 325 2.63 30.30 34.72
C ASP A 325 2.70 31.58 33.86
N GLY A 326 1.61 32.35 33.82
CA GLY A 326 1.62 33.63 33.11
C GLY A 326 1.18 33.54 31.64
N THR A 327 1.09 32.34 31.07
CA THR A 327 0.40 32.23 29.80
C THR A 327 -1.07 31.90 30.03
N VAL A 328 -1.96 32.77 29.54
CA VAL A 328 -3.41 32.60 29.76
C VAL A 328 -4.05 31.93 28.57
N ILE A 329 -4.63 30.74 28.75
CA ILE A 329 -5.40 30.06 27.69
C ILE A 329 -6.86 30.51 27.74
N PRO A 330 -7.39 31.11 26.67
CA PRO A 330 -8.80 31.53 26.80
C PRO A 330 -9.73 30.34 26.97
N ALA A 331 -10.87 30.62 27.63
CA ALA A 331 -12.03 29.72 27.68
C ALA A 331 -12.39 29.31 26.25
N GLY A 332 -12.48 28.01 26.05
CA GLY A 332 -13.08 27.47 24.84
C GLY A 332 -12.07 27.10 23.77
N ASP A 333 -10.81 27.49 23.98
CA ASP A 333 -9.75 27.15 23.01
C ASP A 333 -9.41 25.67 23.07
N THR A 334 -8.78 25.16 22.02
CA THR A 334 -8.46 23.73 21.98
C THR A 334 -7.04 23.47 22.48
N VAL A 335 -6.92 22.55 23.44
CA VAL A 335 -5.66 22.28 24.13
C VAL A 335 -5.23 20.82 23.97
N LEU A 336 -4.02 20.65 23.45
N LEU A 336 -4.01 20.61 23.47
CA LEU A 336 -3.34 19.36 23.38
CA LEU A 336 -3.40 19.26 23.30
C LEU A 336 -2.35 19.26 24.52
C LEU A 336 -2.24 19.06 24.28
N VAL A 337 -2.39 18.15 25.24
CA VAL A 337 -1.35 17.91 26.23
C VAL A 337 -0.30 17.03 25.55
N VAL A 338 0.96 17.47 25.50
CA VAL A 338 1.91 16.73 24.65
C VAL A 338 2.63 15.70 25.56
N LEU A 339 2.07 14.51 25.57
CA LEU A 339 2.55 13.38 26.36
C LEU A 339 4.01 13.04 26.02
N ALA A 340 4.33 13.05 24.72
CA ALA A 340 5.68 12.74 24.22
C ALA A 340 6.73 13.61 24.92
N ASP A 341 6.40 14.90 25.09
CA ASP A 341 7.35 15.82 25.75
C ASP A 341 7.37 15.60 27.28
N ALA A 342 6.18 15.38 27.89
CA ALA A 342 6.16 14.93 29.31
C ALA A 342 7.19 13.82 29.51
N HIS A 343 7.22 12.88 28.57
CA HIS A 343 8.02 11.67 28.72
C HIS A 343 9.49 11.91 28.46
N ARG A 344 9.83 13.07 27.88
CA ARG A 344 11.25 13.46 27.72
C ARG A 344 11.66 14.56 28.71
N THR A 345 10.91 14.74 29.80
CA THR A 345 11.27 15.75 30.78
C THR A 345 12.26 15.13 31.75
N PRO A 346 13.49 15.66 31.79
CA PRO A 346 14.60 14.98 32.53
C PRO A 346 14.43 14.98 34.05
N GLU A 347 13.74 15.98 34.62
CA GLU A 347 13.42 16.03 36.03
C GLU A 347 12.56 14.83 36.45
N ARG A 348 11.83 14.26 35.49
CA ARG A 348 10.95 13.16 35.81
C ARG A 348 11.52 11.84 35.32
N PHE A 349 12.12 11.85 34.14
CA PHE A 349 12.67 10.62 33.52
C PHE A 349 14.11 10.94 33.19
N PRO A 350 15.02 10.65 34.13
CA PRO A 350 16.45 10.94 33.91
C PRO A 350 17.05 10.26 32.66
N ASP A 351 17.94 10.98 31.96
CA ASP A 351 18.53 10.48 30.70
C ASP A 351 17.35 10.08 29.75
N PRO A 352 16.43 11.07 29.46
CA PRO A 352 15.14 10.74 28.87
C PRO A 352 15.21 10.20 27.47
N HIS A 353 16.32 10.47 26.75
CA HIS A 353 16.50 9.94 25.39
C HIS A 353 17.01 8.54 25.34
N ARG A 354 17.29 7.95 26.51
CA ARG A 354 17.74 6.57 26.56
C ARG A 354 16.55 5.60 26.69
N PHE A 355 16.46 4.65 25.77
CA PHE A 355 15.47 3.58 25.88
C PHE A 355 16.09 2.57 26.81
N ASP A 356 15.52 2.43 28.01
CA ASP A 356 16.12 1.54 29.01
C ASP A 356 15.05 0.67 29.59
N ILE A 357 15.00 -0.61 29.26
CA ILE A 357 13.88 -1.47 29.71
C ILE A 357 13.86 -1.68 31.19
N ARG A 358 14.99 -1.34 31.85
CA ARG A 358 15.09 -1.48 33.30
C ARG A 358 14.62 -0.24 34.05
N ARG A 359 14.27 0.80 33.30
CA ARG A 359 14.03 2.05 33.96
C ARG A 359 12.77 2.08 34.81
N ASP A 360 12.75 2.95 35.83
CA ASP A 360 11.50 3.23 36.55
C ASP A 360 10.52 4.03 35.67
N THR A 361 9.45 3.41 35.18
CA THR A 361 8.56 4.10 34.26
C THR A 361 7.33 4.60 35.00
N ALA A 362 7.30 4.39 36.31
CA ALA A 362 6.20 4.89 37.13
C ALA A 362 5.89 6.36 36.94
N GLY A 363 4.62 6.66 36.72
CA GLY A 363 4.20 8.00 36.46
C GLY A 363 4.11 8.34 34.99
N HIS A 364 4.40 7.40 34.09
CA HIS A 364 4.22 7.74 32.66
C HIS A 364 2.76 8.10 32.29
N LEU A 365 2.57 8.87 31.23
CA LEU A 365 1.22 9.31 30.92
C LEU A 365 0.69 8.64 29.67
N ALA A 366 1.34 7.58 29.20
CA ALA A 366 0.91 6.93 27.95
C ALA A 366 -0.56 6.51 27.83
N PHE A 367 -1.22 6.17 28.97
CA PHE A 367 -2.63 5.84 29.01
C PHE A 367 -3.49 7.01 29.56
N GLY A 368 -2.92 8.23 29.66
CA GLY A 368 -3.60 9.34 30.29
C GLY A 368 -3.41 9.35 31.81
N HIS A 369 -4.34 10.05 32.48
CA HIS A 369 -4.31 10.20 33.90
C HIS A 369 -5.60 10.96 34.26
N GLY A 370 -6.29 10.46 35.30
CA GLY A 370 -7.49 11.10 35.87
C GLY A 370 -8.73 10.37 35.38
N ILE A 371 -9.89 11.03 35.33
CA ILE A 371 -11.15 10.28 35.05
C ILE A 371 -11.18 9.66 33.65
N HIS A 372 -10.38 10.16 32.70
CA HIS A 372 -10.35 9.56 31.33
C HIS A 372 -9.24 8.56 31.10
N PHE A 373 -8.54 8.17 32.16
CA PHE A 373 -7.54 7.15 32.02
C PHE A 373 -8.01 5.91 31.21
N CYS A 374 -7.14 5.46 30.29
CA CYS A 374 -7.50 4.43 29.28
C CYS A 374 -8.22 3.23 29.91
N ILE A 375 -9.43 2.98 29.45
CA ILE A 375 -10.20 1.81 29.90
C ILE A 375 -9.63 0.58 29.21
N GLY A 376 -8.93 0.76 28.09
CA GLY A 376 -8.39 -0.40 27.37
C GLY A 376 -7.00 -0.86 27.85
N ALA A 377 -6.46 -0.31 28.94
CA ALA A 377 -5.06 -0.53 29.25
C ALA A 377 -4.73 -2.01 29.54
N PRO A 378 -5.57 -2.68 30.37
CA PRO A 378 -5.30 -4.12 30.60
C PRO A 378 -5.29 -4.88 29.25
N LEU A 379 -6.23 -4.55 28.35
CA LEU A 379 -6.31 -5.29 27.09
C LEU A 379 -5.12 -4.94 26.22
N ALA A 380 -4.79 -3.64 26.19
CA ALA A 380 -3.62 -3.24 25.36
C ALA A 380 -2.36 -3.93 25.87
N ARG A 381 -2.15 -3.90 27.19
CA ARG A 381 -1.01 -4.57 27.72
C ARG A 381 -1.02 -6.08 27.46
N LEU A 382 -2.16 -6.73 27.58
CA LEU A 382 -2.21 -8.17 27.23
C LEU A 382 -1.70 -8.44 25.77
N GLU A 383 -2.26 -7.69 24.83
CA GLU A 383 -1.91 -7.86 23.44
C GLU A 383 -0.46 -7.58 23.18
N ALA A 384 0.06 -6.46 23.71
CA ALA A 384 1.47 -6.12 23.38
C ALA A 384 2.44 -7.08 24.10
N ARG A 385 2.16 -7.45 25.33
CA ARG A 385 3.07 -8.39 26.02
C ARG A 385 3.16 -9.74 25.27
N ILE A 386 2.01 -10.27 24.87
CA ILE A 386 2.02 -11.57 24.13
C ILE A 386 2.80 -11.46 22.82
N ALA A 387 2.52 -10.37 22.11
CA ALA A 387 3.10 -10.18 20.78
C ALA A 387 4.59 -10.05 20.92
N VAL A 388 5.05 -9.21 21.86
CA VAL A 388 6.50 -8.99 21.96
C VAL A 388 7.20 -10.31 22.34
N ARG A 389 6.60 -11.05 23.26
CA ARG A 389 7.26 -12.25 23.72
C ARG A 389 7.31 -13.24 22.57
N ALA A 390 6.22 -13.34 21.81
CA ALA A 390 6.14 -14.26 20.64
C ALA A 390 7.24 -13.98 19.63
N LEU A 391 7.39 -12.71 19.25
CA LEU A 391 8.43 -12.33 18.28
C LEU A 391 9.79 -12.74 18.84
N LEU A 392 10.00 -12.44 20.12
CA LEU A 392 11.33 -12.69 20.67
C LEU A 392 11.66 -14.20 20.76
N GLU A 393 10.71 -15.00 21.24
CA GLU A 393 11.00 -16.39 21.41
C GLU A 393 11.04 -17.14 20.08
N ARG A 394 10.29 -16.64 19.07
CA ARG A 394 10.16 -17.32 17.78
C ARG A 394 11.01 -16.84 16.60
N CYS A 395 11.56 -15.64 16.67
CA CYS A 395 12.36 -15.07 15.57
C CYS A 395 13.81 -14.92 16.01
N PRO A 396 14.66 -15.92 15.66
CA PRO A 396 16.05 -15.85 16.07
C PRO A 396 16.78 -14.77 15.29
N ASP A 397 17.65 -14.06 16.00
CA ASP A 397 18.39 -12.96 15.42
C ASP A 397 17.48 -11.92 14.75
N LEU A 398 16.19 -11.92 15.08
CA LEU A 398 15.30 -10.84 14.67
C LEU A 398 16.03 -9.48 14.66
N ALA A 399 15.89 -8.73 13.59
CA ALA A 399 16.56 -7.42 13.45
C ALA A 399 15.76 -6.53 12.53
N LEU A 400 16.00 -5.23 12.58
CA LEU A 400 15.42 -4.34 11.57
C LEU A 400 15.97 -4.72 10.19
N ASP A 401 15.23 -4.43 9.15
CA ASP A 401 15.65 -4.73 7.78
C ASP A 401 15.53 -3.45 7.00
N VAL A 402 16.08 -2.41 7.57
CA VAL A 402 15.85 -1.08 7.07
C VAL A 402 16.78 -0.20 7.91
N SER A 403 17.48 0.73 7.28
CA SER A 403 18.10 1.84 8.03
C SER A 403 16.97 2.70 8.66
N PRO A 404 17.06 2.93 10.01
CA PRO A 404 16.20 3.91 10.72
C PRO A 404 15.70 5.13 9.90
N GLY A 405 16.52 5.66 8.97
CA GLY A 405 16.11 6.75 8.07
C GLY A 405 15.31 6.36 6.82
N GLU A 406 14.98 5.08 6.63
CA GLU A 406 14.07 4.67 5.54
C GLU A 406 12.59 4.65 6.00
N LEU A 407 12.42 4.64 7.32
CA LEU A 407 11.11 4.61 7.94
C LEU A 407 10.40 5.90 7.70
N VAL A 408 9.08 5.82 7.54
CA VAL A 408 8.24 6.96 7.41
C VAL A 408 7.17 7.08 8.54
N TRP A 409 7.07 8.27 9.10
CA TRP A 409 6.26 8.50 10.27
C TRP A 409 5.08 9.35 9.93
N TYR A 410 3.99 9.19 10.69
CA TYR A 410 2.79 10.04 10.56
C TYR A 410 2.98 11.43 11.17
N PRO A 411 2.42 12.47 10.51
CA PRO A 411 2.69 13.84 10.93
C PRO A 411 1.81 14.31 12.07
N ASN A 412 0.61 13.74 12.16
CA ASN A 412 -0.33 14.14 13.21
C ASN A 412 0.27 14.32 14.63
N PRO A 413 0.19 15.54 15.22
CA PRO A 413 0.76 15.68 16.57
C PRO A 413 0.08 14.81 17.66
N MET A 414 -1.05 14.17 17.36
CA MET A 414 -1.70 13.28 18.32
C MET A 414 -1.15 11.87 18.34
N ILE A 415 -0.74 11.36 17.19
CA ILE A 415 -0.37 9.96 17.09
C ILE A 415 0.99 9.79 16.51
N ARG A 416 1.77 8.97 17.18
CA ARG A 416 3.08 8.57 16.67
C ARG A 416 3.08 7.20 16.08
N GLY A 417 3.44 7.12 14.81
CA GLY A 417 3.18 5.92 14.06
C GLY A 417 3.99 5.82 12.80
N LEU A 418 4.31 4.57 12.44
CA LEU A 418 5.07 4.30 11.22
C LEU A 418 4.12 3.74 10.15
N LYS A 419 4.52 3.91 8.89
CA LYS A 419 3.80 3.29 7.76
C LYS A 419 4.05 1.77 7.63
N ALA A 420 5.30 1.37 7.88
CA ALA A 420 5.79 0.00 7.65
C ALA A 420 6.95 -0.30 8.62
N LEU A 421 7.18 -1.58 8.87
CA LEU A 421 8.32 -1.93 9.69
C LEU A 421 8.99 -3.19 9.17
N PRO A 422 9.92 -3.04 8.20
CA PRO A 422 10.56 -4.22 7.59
C PRO A 422 11.52 -4.83 8.62
N ILE A 423 11.37 -6.15 8.80
CA ILE A 423 12.19 -6.91 9.73
C ILE A 423 12.79 -8.08 9.02
N ARG A 424 13.75 -8.71 9.67
CA ARG A 424 14.41 -9.91 9.13
C ARG A 424 14.78 -10.81 10.32
N TRP A 425 14.98 -12.10 10.05
CA TRP A 425 15.37 -13.08 11.08
C TRP A 425 16.16 -14.18 10.34
N ARG A 426 16.84 -15.09 11.05
CA ARG A 426 17.71 -16.08 10.39
C ARG A 426 16.85 -17.12 9.59
N VAL B 34 -14.99 -23.16 -9.88
CA VAL B 34 -13.68 -22.46 -10.09
C VAL B 34 -12.68 -23.33 -10.88
N LEU B 35 -12.33 -22.93 -12.10
CA LEU B 35 -11.23 -23.54 -12.84
C LEU B 35 -9.88 -23.20 -12.18
N ASP B 36 -9.09 -24.20 -11.83
CA ASP B 36 -7.84 -23.95 -11.16
C ASP B 36 -6.69 -23.90 -12.15
N LEU B 37 -6.21 -22.69 -12.43
CA LEU B 37 -5.12 -22.53 -13.39
C LEU B 37 -3.76 -23.06 -12.87
N GLY B 38 -3.57 -23.10 -11.56
CA GLY B 38 -2.33 -23.67 -10.98
C GLY B 38 -2.29 -25.14 -11.28
N ALA B 39 -3.42 -25.81 -11.09
CA ALA B 39 -3.45 -27.24 -11.27
C ALA B 39 -3.18 -27.63 -12.75
N LEU B 40 -3.56 -26.75 -13.68
CA LEU B 40 -3.27 -26.98 -15.09
C LEU B 40 -1.75 -27.01 -15.41
N GLY B 41 -0.90 -26.42 -14.56
CA GLY B 41 0.55 -26.65 -14.73
C GLY B 41 1.21 -25.93 -15.92
N GLN B 42 2.45 -26.34 -16.26
CA GLN B 42 3.27 -25.70 -17.31
C GLN B 42 2.65 -25.86 -18.69
N ASP B 43 1.97 -26.99 -18.89
CA ASP B 43 1.29 -27.22 -20.14
C ASP B 43 0.32 -26.07 -20.44
N PHE B 44 -0.30 -25.50 -19.42
CA PHE B 44 -1.16 -24.33 -19.59
C PHE B 44 -0.36 -23.03 -19.83
N ALA B 45 0.61 -22.74 -18.96
CA ALA B 45 1.61 -21.69 -19.18
C ALA B 45 2.11 -21.67 -20.63
N ALA B 46 2.42 -22.84 -21.17
CA ALA B 46 3.06 -22.97 -22.48
C ALA B 46 2.04 -22.83 -23.59
N ASP B 47 0.84 -23.38 -23.39
CA ASP B 47 -0.17 -23.25 -24.43
C ASP B 47 -1.51 -23.00 -23.76
N PRO B 48 -1.80 -21.74 -23.39
CA PRO B 48 -3.08 -21.52 -22.68
C PRO B 48 -4.29 -21.42 -23.59
N TYR B 49 -4.05 -21.40 -24.91
CA TYR B 49 -5.08 -21.06 -25.88
C TYR B 49 -6.33 -21.96 -25.94
N PRO B 50 -6.14 -23.29 -26.08
CA PRO B 50 -7.33 -24.19 -26.06
C PRO B 50 -8.23 -24.01 -24.82
N THR B 51 -7.62 -23.81 -23.65
CA THR B 51 -8.29 -23.60 -22.42
C THR B 51 -9.18 -22.34 -22.52
N TYR B 52 -8.65 -21.25 -23.05
CA TYR B 52 -9.45 -20.04 -23.04
C TYR B 52 -10.56 -20.18 -24.07
N ALA B 53 -10.25 -20.79 -25.24
CA ALA B 53 -11.22 -21.02 -26.30
C ALA B 53 -12.37 -21.90 -25.80
N ARG B 54 -12.02 -22.96 -25.07
CA ARG B 54 -13.04 -23.78 -24.43
C ARG B 54 -13.92 -22.94 -23.50
N LEU B 55 -13.31 -22.03 -22.74
CA LEU B 55 -14.11 -21.10 -21.92
C LEU B 55 -15.04 -20.17 -22.74
N ARG B 56 -14.50 -19.64 -23.82
CA ARG B 56 -15.23 -18.64 -24.63
C ARG B 56 -16.46 -19.33 -25.24
N ALA B 57 -16.30 -20.58 -25.63
CA ALA B 57 -17.47 -21.35 -26.14
C ALA B 57 -18.64 -21.44 -25.12
N GLU B 58 -18.33 -21.35 -23.83
CA GLU B 58 -19.35 -21.42 -22.81
C GLU B 58 -19.92 -20.10 -22.38
N GLY B 59 -19.22 -18.98 -22.64
CA GLY B 59 -19.65 -17.70 -22.10
C GLY B 59 -18.43 -16.78 -21.93
N PRO B 60 -18.73 -15.48 -21.77
CA PRO B 60 -17.77 -14.40 -21.67
C PRO B 60 -16.98 -14.35 -20.35
N ALA B 61 -17.54 -14.83 -19.24
CA ALA B 61 -16.98 -14.57 -17.88
C ALA B 61 -16.95 -15.83 -17.00
N HIS B 62 -15.76 -16.13 -16.41
CA HIS B 62 -15.46 -17.36 -15.66
C HIS B 62 -14.64 -17.13 -14.38
N ARG B 63 -15.06 -17.67 -13.22
CA ARG B 63 -14.20 -17.62 -12.00
C ARG B 63 -13.07 -18.63 -12.14
N VAL B 64 -11.85 -18.21 -11.84
CA VAL B 64 -10.69 -19.13 -11.89
C VAL B 64 -9.84 -18.96 -10.63
N ARG B 65 -9.01 -19.95 -10.31
CA ARG B 65 -8.00 -19.77 -9.29
C ARG B 65 -6.66 -19.63 -10.00
N THR B 66 -5.96 -18.52 -9.74
CA THR B 66 -4.65 -18.27 -10.37
C THR B 66 -3.58 -19.21 -9.77
N PRO B 67 -2.41 -19.33 -10.43
CA PRO B 67 -1.38 -20.20 -9.84
C PRO B 67 -0.95 -19.80 -8.41
N GLU B 68 -1.10 -18.55 -8.05
CA GLU B 68 -0.81 -18.16 -6.68
C GLU B 68 -1.96 -18.42 -5.70
N GLY B 69 -3.12 -18.87 -6.20
CA GLY B 69 -4.23 -19.25 -5.31
C GLY B 69 -5.28 -18.18 -5.08
N ASN B 70 -5.15 -17.08 -5.80
CA ASN B 70 -6.16 -16.03 -5.90
C ASN B 70 -7.39 -16.44 -6.71
N GLU B 71 -8.58 -16.00 -6.29
CA GLU B 71 -9.74 -16.14 -7.13
C GLU B 71 -10.04 -14.85 -7.91
N VAL B 72 -10.22 -15.01 -9.21
CA VAL B 72 -10.45 -13.85 -10.10
C VAL B 72 -11.37 -14.25 -11.20
N TRP B 73 -11.94 -13.27 -11.91
CA TRP B 73 -12.71 -13.57 -13.10
C TRP B 73 -11.90 -13.39 -14.36
N LEU B 74 -12.17 -14.19 -15.37
CA LEU B 74 -11.60 -14.04 -16.70
C LEU B 74 -12.71 -13.66 -17.66
N VAL B 75 -12.45 -12.65 -18.47
CA VAL B 75 -13.32 -12.27 -19.56
C VAL B 75 -12.63 -12.66 -20.86
N VAL B 76 -13.35 -13.44 -21.67
CA VAL B 76 -12.80 -14.00 -22.91
C VAL B 76 -13.75 -13.62 -24.05
N GLY B 77 -13.26 -13.73 -25.28
CA GLY B 77 -13.96 -13.37 -26.54
C GLY B 77 -13.60 -11.94 -26.90
N TYR B 78 -13.23 -11.73 -28.17
CA TYR B 78 -12.75 -10.39 -28.65
C TYR B 78 -13.74 -9.24 -28.31
N ASP B 79 -15.01 -9.39 -28.72
CA ASP B 79 -15.96 -8.26 -28.58
C ASP B 79 -16.22 -7.88 -27.16
N ARG B 80 -16.45 -8.89 -26.33
CA ARG B 80 -16.56 -8.71 -24.90
C ARG B 80 -15.27 -8.14 -24.25
N ALA B 81 -14.11 -8.62 -24.68
CA ALA B 81 -12.82 -8.14 -24.09
C ALA B 81 -12.61 -6.66 -24.40
N ARG B 82 -12.89 -6.30 -25.67
CA ARG B 82 -12.74 -4.94 -26.15
C ARG B 82 -13.74 -4.06 -25.41
N ALA B 83 -14.97 -4.55 -25.22
CA ALA B 83 -15.99 -3.73 -24.52
C ALA B 83 -15.62 -3.50 -23.07
N VAL B 84 -15.22 -4.54 -22.33
CA VAL B 84 -14.85 -4.40 -20.91
C VAL B 84 -13.63 -3.49 -20.67
N LEU B 85 -12.62 -3.62 -21.53
CA LEU B 85 -11.48 -2.71 -21.47
C LEU B 85 -11.90 -1.25 -21.31
N ALA B 86 -12.86 -0.82 -22.09
CA ALA B 86 -13.24 0.59 -22.19
C ALA B 86 -14.49 0.91 -21.39
N ASP B 87 -15.04 -0.05 -20.68
CA ASP B 87 -16.36 0.14 -20.01
C ASP B 87 -16.11 0.80 -18.65
N PRO B 88 -16.66 2.02 -18.41
CA PRO B 88 -16.42 2.67 -17.10
C PRO B 88 -17.14 1.99 -15.88
N ARG B 89 -17.97 0.96 -16.11
CA ARG B 89 -18.50 0.18 -15.00
C ARG B 89 -17.38 -0.58 -14.29
N PHE B 90 -16.28 -0.80 -14.98
CA PHE B 90 -15.13 -1.56 -14.47
C PHE B 90 -14.00 -0.59 -14.08
N SER B 91 -13.93 -0.24 -12.78
CA SER B 91 -12.93 0.66 -12.23
C SER B 91 -11.51 0.07 -12.18
N LYS B 92 -10.49 0.95 -12.11
CA LYS B 92 -9.11 0.46 -11.96
C LYS B 92 -8.57 0.84 -10.58
N ASP B 93 -9.41 1.56 -9.85
CA ASP B 93 -9.04 2.12 -8.57
C ASP B 93 -9.39 1.11 -7.43
N TRP B 94 -8.39 0.80 -6.61
CA TRP B 94 -8.52 -0.19 -5.52
C TRP B 94 -9.62 0.16 -4.50
N ARG B 95 -10.00 1.43 -4.43
CA ARG B 95 -11.11 1.77 -3.52
C ARG B 95 -12.44 1.10 -3.97
N ASN B 96 -12.49 0.60 -5.20
CA ASN B 96 -13.67 -0.15 -5.67
C ASN B 96 -13.50 -1.64 -5.57
N SER B 97 -12.35 -2.06 -5.03
CA SER B 97 -12.03 -3.49 -4.89
C SER B 97 -12.27 -3.99 -3.46
N THR B 98 -12.80 -5.21 -3.34
CA THR B 98 -12.96 -5.82 -1.99
C THR B 98 -11.70 -6.50 -1.46
N THR B 99 -10.64 -6.55 -2.26
CA THR B 99 -9.37 -7.08 -1.85
C THR B 99 -8.64 -5.89 -1.18
N PRO B 100 -8.31 -6.02 0.11
CA PRO B 100 -7.49 -5.01 0.79
C PRO B 100 -6.08 -4.99 0.23
N LEU B 101 -5.47 -3.81 0.14
CA LEU B 101 -4.07 -3.68 -0.20
C LEU B 101 -3.23 -3.79 1.06
N THR B 102 -2.01 -4.31 0.91
CA THR B 102 -0.94 -4.19 1.90
C THR B 102 -0.43 -2.76 1.87
N GLU B 103 0.28 -2.37 2.94
CA GLU B 103 0.85 -1.02 2.90
C GLU B 103 1.85 -0.90 1.75
N ALA B 104 2.66 -1.94 1.49
CA ALA B 104 3.65 -1.88 0.37
C ALA B 104 2.99 -1.62 -0.99
N GLU B 105 1.83 -2.24 -1.21
CA GLU B 105 0.98 -1.95 -2.40
C GLU B 105 0.41 -0.54 -2.45
N ALA B 106 -0.23 -0.15 -1.36
CA ALA B 106 -0.86 1.15 -1.20
C ALA B 106 0.18 2.28 -1.49
N ALA B 107 1.41 2.10 -1.04
CA ALA B 107 2.49 3.07 -1.34
C ALA B 107 2.72 3.32 -2.85
N LEU B 108 2.37 2.31 -3.66
CA LEU B 108 2.63 2.36 -5.09
C LEU B 108 1.35 2.51 -5.92
N ASN B 109 0.22 2.68 -5.27
CA ASN B 109 -1.09 2.70 -5.95
C ASN B 109 -1.58 4.03 -6.58
N HIS B 110 -0.85 5.12 -6.30
CA HIS B 110 -1.13 6.47 -6.84
C HIS B 110 -0.53 6.68 -8.23
N ASN B 111 -0.96 5.87 -9.21
CA ASN B 111 -0.44 5.98 -10.58
C ASN B 111 -1.64 5.92 -11.54
N MET B 112 -1.43 6.36 -12.78
CA MET B 112 -2.56 6.50 -13.68
C MET B 112 -3.23 5.17 -14.01
N LEU B 113 -2.48 4.08 -14.04
CA LEU B 113 -3.07 2.83 -14.44
C LEU B 113 -3.97 2.20 -13.38
N GLU B 114 -3.80 2.60 -12.13
CA GLU B 114 -4.64 2.17 -11.03
C GLU B 114 -5.48 3.32 -10.50
N SER B 115 -6.08 4.05 -11.45
CA SER B 115 -6.81 5.30 -11.20
C SER B 115 -7.95 5.35 -12.18
N ASP B 116 -9.05 6.01 -11.77
CA ASP B 116 -10.15 6.44 -12.66
C ASP B 116 -10.09 7.96 -12.82
N PRO B 117 -10.82 8.51 -13.82
CA PRO B 117 -11.00 9.95 -13.84
C PRO B 117 -11.66 10.42 -12.54
N PRO B 118 -11.34 11.61 -12.06
CA PRO B 118 -10.47 12.60 -12.74
C PRO B 118 -8.95 12.41 -12.50
N ARG B 119 -8.57 11.60 -11.50
CA ARG B 119 -7.19 11.41 -11.16
C ARG B 119 -6.36 10.86 -12.33
N HIS B 120 -6.89 9.84 -13.03
CA HIS B 120 -6.26 9.31 -14.23
C HIS B 120 -6.01 10.44 -15.23
N THR B 121 -7.01 11.28 -15.41
CA THR B 121 -6.94 12.37 -16.38
C THR B 121 -5.77 13.30 -16.04
N ARG B 122 -5.70 13.69 -14.79
CA ARG B 122 -4.69 14.67 -14.35
C ARG B 122 -3.30 14.10 -14.46
N LEU B 123 -3.11 12.86 -14.02
CA LEU B 123 -1.79 12.22 -14.08
C LEU B 123 -1.25 11.93 -15.49
N ARG B 124 -2.11 11.42 -16.36
CA ARG B 124 -1.67 11.15 -17.70
C ARG B 124 -1.32 12.44 -18.47
N LYS B 125 -2.03 13.51 -18.24
CA LYS B 125 -1.70 14.80 -18.86
C LYS B 125 -0.27 15.27 -18.57
N LEU B 126 0.31 14.81 -17.46
CA LEU B 126 1.56 15.36 -17.02
C LEU B 126 2.66 14.81 -17.88
N VAL B 127 2.43 13.62 -18.46
CA VAL B 127 3.46 12.94 -19.24
C VAL B 127 3.10 12.64 -20.67
N ALA B 128 1.85 12.93 -21.06
CA ALA B 128 1.39 12.66 -22.46
C ALA B 128 2.34 13.22 -23.55
N ARG B 129 2.79 14.45 -23.38
CA ARG B 129 3.72 15.10 -24.32
C ARG B 129 5.02 14.34 -24.53
N GLU B 130 5.48 13.58 -23.52
CA GLU B 130 6.80 12.94 -23.61
C GLU B 130 6.75 11.76 -24.53
N PHE B 131 5.56 11.21 -24.71
CA PHE B 131 5.43 9.86 -25.33
C PHE B 131 4.72 9.86 -26.68
N THR B 132 4.58 11.04 -27.32
CA THR B 132 4.00 11.06 -28.65
C THR B 132 4.95 10.45 -29.67
N MET B 133 4.40 10.16 -30.84
CA MET B 133 5.14 9.68 -31.98
C MET B 133 6.35 10.57 -32.27
N ARG B 134 6.14 11.88 -32.30
CA ARG B 134 7.20 12.79 -32.66
C ARG B 134 8.28 12.87 -31.55
N ARG B 135 7.87 12.94 -30.29
CA ARG B 135 8.83 13.11 -29.20
C ARG B 135 9.62 11.83 -29.11
N VAL B 136 8.94 10.69 -29.11
CA VAL B 136 9.63 9.40 -29.15
C VAL B 136 10.58 9.24 -30.33
N GLU B 137 10.14 9.69 -31.53
CA GLU B 137 11.07 9.66 -32.68
C GLU B 137 12.46 10.35 -32.44
N LEU B 138 12.50 11.37 -31.58
CA LEU B 138 13.77 11.97 -31.18
C LEU B 138 14.74 10.93 -30.54
N LEU B 139 14.20 9.80 -30.01
CA LEU B 139 15.05 8.84 -29.34
C LEU B 139 15.66 7.80 -30.28
N ARG B 140 15.22 7.85 -31.53
CA ARG B 140 15.58 6.83 -32.48
C ARG B 140 17.11 6.60 -32.54
N PRO B 141 17.92 7.68 -32.78
CA PRO B 141 19.38 7.43 -32.84
C PRO B 141 19.93 6.73 -31.60
N ARG B 142 19.46 7.12 -30.42
CA ARG B 142 20.02 6.53 -29.20
C ARG B 142 19.56 5.05 -29.03
N VAL B 143 18.30 4.78 -29.37
CA VAL B 143 17.77 3.40 -29.28
C VAL B 143 18.59 2.53 -30.25
N GLN B 144 18.85 3.07 -31.46
CA GLN B 144 19.66 2.38 -32.44
C GLN B 144 21.03 2.07 -31.88
N GLU B 145 21.64 3.03 -31.21
CA GLU B 145 22.98 2.82 -30.67
C GLU B 145 22.95 1.77 -29.59
N ILE B 146 21.88 1.79 -28.78
CA ILE B 146 21.72 0.79 -27.71
C ILE B 146 21.61 -0.65 -28.27
N VAL B 147 20.77 -0.78 -29.28
CA VAL B 147 20.52 -2.06 -29.92
C VAL B 147 21.83 -2.51 -30.58
N ASP B 148 22.51 -1.59 -31.29
CA ASP B 148 23.69 -2.00 -32.03
C ASP B 148 24.76 -2.52 -31.04
N GLY B 149 24.92 -1.84 -29.89
CA GLY B 149 25.95 -2.24 -28.90
C GLY B 149 25.60 -3.59 -28.27
N LEU B 150 24.31 -3.81 -27.97
CA LEU B 150 23.83 -5.07 -27.37
C LEU B 150 24.04 -6.25 -28.36
N VAL B 151 23.76 -6.03 -29.60
CA VAL B 151 24.02 -7.06 -30.62
C VAL B 151 25.52 -7.36 -30.80
N ASP B 152 26.34 -6.31 -30.85
CA ASP B 152 27.77 -6.49 -31.04
C ASP B 152 28.30 -7.31 -29.83
N ALA B 153 27.82 -6.98 -28.62
CA ALA B 153 28.31 -7.73 -27.45
C ALA B 153 27.85 -9.18 -27.56
N MET B 154 26.63 -9.37 -28.08
CA MET B 154 26.07 -10.73 -28.21
C MET B 154 26.91 -11.57 -29.21
N LEU B 155 27.30 -10.91 -30.30
CA LEU B 155 28.13 -11.53 -31.37
C LEU B 155 29.58 -11.91 -30.90
N ALA B 156 29.98 -11.49 -29.72
CA ALA B 156 31.25 -11.93 -29.23
C ALA B 156 31.30 -13.49 -29.05
N ALA B 157 30.15 -14.16 -28.90
CA ALA B 157 30.18 -15.61 -28.62
C ALA B 157 30.89 -16.42 -29.74
N PRO B 158 31.99 -17.09 -29.39
CA PRO B 158 32.82 -17.69 -30.47
C PRO B 158 32.14 -18.84 -31.29
N ASP B 159 31.23 -19.57 -30.65
CA ASP B 159 30.46 -20.67 -31.27
C ASP B 159 29.14 -20.15 -31.89
N GLY B 160 28.89 -18.85 -31.75
CA GLY B 160 27.69 -18.27 -32.33
C GLY B 160 26.39 -18.76 -31.65
N ARG B 161 26.39 -18.88 -30.32
CA ARG B 161 25.17 -19.19 -29.58
C ARG B 161 25.00 -18.19 -28.50
N ALA B 162 23.75 -17.87 -28.18
CA ALA B 162 23.38 -16.95 -27.11
C ALA B 162 21.94 -17.20 -26.59
N ASP B 163 21.66 -16.68 -25.42
CA ASP B 163 20.33 -16.53 -24.95
C ASP B 163 19.84 -15.10 -25.28
N LEU B 164 18.84 -15.00 -26.15
CA LEU B 164 18.35 -13.69 -26.55
C LEU B 164 17.75 -12.86 -25.45
N MET B 165 17.15 -13.53 -24.46
CA MET B 165 16.60 -12.84 -23.32
C MET B 165 17.67 -12.08 -22.55
N GLU B 166 18.75 -12.79 -22.20
CA GLU B 166 19.86 -12.21 -21.49
C GLU B 166 20.63 -11.16 -22.32
N SER B 167 20.77 -11.46 -23.61
CA SER B 167 21.63 -10.64 -24.49
C SER B 167 20.98 -9.34 -25.00
N LEU B 168 19.68 -9.37 -25.20
CA LEU B 168 19.00 -8.21 -25.85
C LEU B 168 17.64 -7.89 -25.26
N ALA B 169 16.76 -8.89 -25.11
CA ALA B 169 15.38 -8.57 -24.72
C ALA B 169 15.30 -7.92 -23.35
N TRP B 170 16.09 -8.39 -22.38
N TRP B 170 16.06 -8.38 -22.34
CA TRP B 170 16.05 -7.76 -21.05
CA TRP B 170 16.00 -7.66 -21.03
C TRP B 170 16.79 -6.42 -21.01
C TRP B 170 16.77 -6.34 -21.07
N PRO B 171 18.05 -6.35 -21.54
CA PRO B 171 18.78 -5.10 -21.40
C PRO B 171 18.27 -3.92 -22.22
N LEU B 172 17.70 -4.15 -23.40
CA LEU B 172 17.31 -3.00 -24.26
C LEU B 172 16.29 -2.07 -23.55
N PRO B 173 15.12 -2.60 -23.09
CA PRO B 173 14.07 -1.72 -22.58
C PRO B 173 14.52 -1.05 -21.31
N ILE B 174 15.20 -1.78 -20.44
CA ILE B 174 15.72 -1.20 -19.19
C ILE B 174 16.74 -0.08 -19.45
N THR B 175 17.62 -0.25 -20.44
CA THR B 175 18.55 0.81 -20.79
C THR B 175 17.80 2.05 -21.27
N VAL B 176 16.85 1.89 -22.17
CA VAL B 176 16.17 3.02 -22.76
C VAL B 176 15.39 3.76 -21.68
N ILE B 177 14.63 3.04 -20.87
CA ILE B 177 13.78 3.75 -19.92
C ILE B 177 14.60 4.35 -18.77
N SER B 178 15.71 3.67 -18.43
CA SER B 178 16.62 4.16 -17.37
C SER B 178 17.29 5.44 -17.75
N GLU B 179 17.66 5.54 -19.02
CA GLU B 179 18.17 6.82 -19.53
C GLU B 179 17.11 7.97 -19.55
N LEU B 180 15.90 7.66 -20.00
CA LEU B 180 14.81 8.67 -19.96
C LEU B 180 14.57 9.26 -18.60
N LEU B 181 14.55 8.39 -17.60
CA LEU B 181 14.16 8.74 -16.28
C LEU B 181 15.33 8.98 -15.34
N GLY B 182 16.57 8.93 -15.83
CA GLY B 182 17.68 9.20 -14.99
C GLY B 182 17.99 8.13 -13.92
N VAL B 183 17.85 6.83 -14.25
CA VAL B 183 18.29 5.76 -13.35
C VAL B 183 19.76 5.40 -13.64
N PRO B 184 20.70 5.67 -12.68
CA PRO B 184 22.13 5.42 -12.89
C PRO B 184 22.39 3.96 -13.26
N GLU B 185 23.42 3.72 -14.08
CA GLU B 185 23.70 2.41 -14.64
C GLU B 185 23.94 1.32 -13.56
N PRO B 186 24.67 1.64 -12.46
CA PRO B 186 24.86 0.67 -11.35
C PRO B 186 23.54 0.22 -10.70
N ASP B 187 22.47 1.00 -10.83
CA ASP B 187 21.17 0.71 -10.16
C ASP B 187 20.22 -0.21 -10.95
N ARG B 188 20.56 -0.53 -12.19
CA ARG B 188 19.56 -1.09 -13.09
C ARG B 188 19.34 -2.59 -12.93
N ALA B 189 20.40 -3.33 -12.58
CA ALA B 189 20.27 -4.78 -12.38
C ALA B 189 19.38 -5.11 -11.17
N ALA B 190 19.42 -4.34 -10.10
CA ALA B 190 18.44 -4.46 -9.00
C ALA B 190 16.99 -4.40 -9.49
N PHE B 191 16.74 -3.56 -10.50
CA PHE B 191 15.41 -3.46 -11.13
C PHE B 191 14.94 -4.68 -11.80
N ARG B 192 15.85 -5.40 -12.46
CA ARG B 192 15.51 -6.69 -13.00
C ARG B 192 14.97 -7.63 -11.94
N VAL B 193 15.60 -7.60 -10.75
CA VAL B 193 15.27 -8.49 -9.66
C VAL B 193 13.91 -8.16 -9.02
N TRP B 194 13.66 -6.89 -8.75
CA TRP B 194 12.36 -6.43 -8.25
C TRP B 194 11.23 -6.77 -9.22
N THR B 195 11.51 -6.53 -10.48
CA THR B 195 10.56 -6.72 -11.51
C THR B 195 10.24 -8.21 -11.82
N ASP B 196 11.24 -9.11 -11.83
CA ASP B 196 10.99 -10.57 -11.84
C ASP B 196 10.13 -11.02 -10.66
N ALA B 197 10.47 -10.52 -9.47
CA ALA B 197 9.74 -10.79 -8.23
C ALA B 197 8.24 -10.34 -8.26
N PHE B 198 7.90 -9.30 -9.00
CA PHE B 198 6.48 -8.87 -9.18
C PHE B 198 5.75 -9.86 -10.05
N VAL B 199 6.43 -10.59 -10.93
CA VAL B 199 5.67 -11.50 -11.82
C VAL B 199 5.82 -12.99 -11.66
N PHE B 200 7.04 -13.41 -11.32
N PHE B 200 7.06 -13.44 -11.46
CA PHE B 200 7.34 -14.81 -11.24
CA PHE B 200 7.33 -14.85 -11.18
C PHE B 200 7.89 -15.20 -9.85
C PHE B 200 8.06 -14.96 -9.84
N PRO B 201 7.37 -14.59 -8.74
CA PRO B 201 8.01 -14.81 -7.44
C PRO B 201 7.93 -16.29 -7.00
N ASP B 202 8.94 -16.73 -6.21
CA ASP B 202 8.86 -18.07 -5.57
C ASP B 202 7.76 -18.13 -4.52
N ASP B 203 7.49 -17.00 -3.89
N ASP B 203 7.50 -16.99 -3.89
CA ASP B 203 6.47 -16.92 -2.86
CA ASP B 203 6.48 -16.88 -2.86
C ASP B 203 5.92 -15.48 -2.80
C ASP B 203 5.86 -15.47 -2.95
N PRO B 204 4.60 -15.31 -2.50
CA PRO B 204 4.00 -13.99 -2.35
C PRO B 204 4.78 -13.02 -1.44
N ALA B 205 5.44 -13.54 -0.42
CA ALA B 205 6.28 -12.75 0.44
C ALA B 205 7.34 -11.98 -0.35
N GLN B 206 7.85 -12.61 -1.41
CA GLN B 206 8.94 -12.04 -2.20
C GLN B 206 8.49 -10.80 -2.94
N ALA B 207 7.33 -10.85 -3.59
CA ALA B 207 6.76 -9.68 -4.26
C ALA B 207 6.58 -8.50 -3.28
N GLN B 208 6.19 -8.83 -2.03
CA GLN B 208 5.96 -7.78 -1.02
C GLN B 208 7.26 -7.11 -0.67
N THR B 209 8.29 -7.91 -0.37
CA THR B 209 9.63 -7.36 -0.07
C THR B 209 10.17 -6.53 -1.24
N ALA B 210 9.99 -7.04 -2.46
CA ALA B 210 10.47 -6.36 -3.64
C ALA B 210 9.74 -5.04 -3.84
N MET B 211 8.45 -5.01 -3.57
CA MET B 211 7.71 -3.75 -3.68
C MET B 211 8.22 -2.71 -2.70
N ALA B 212 8.43 -3.12 -1.45
CA ALA B 212 8.90 -2.15 -0.42
C ALA B 212 10.33 -1.63 -0.73
N GLU B 213 11.18 -2.52 -1.22
CA GLU B 213 12.56 -2.21 -1.59
C GLU B 213 12.66 -1.24 -2.78
N MET B 214 11.96 -1.57 -3.86
CA MET B 214 11.90 -0.68 -5.04
C MET B 214 11.35 0.71 -4.65
N SER B 215 10.29 0.72 -3.87
CA SER B 215 9.71 1.95 -3.38
C SER B 215 10.72 2.85 -2.59
N GLY B 216 11.46 2.22 -1.66
CA GLY B 216 12.46 2.90 -0.88
C GLY B 216 13.54 3.41 -1.82
N TYR B 217 13.94 2.56 -2.76
CA TYR B 217 14.94 2.97 -3.73
C TYR B 217 14.52 4.18 -4.58
N LEU B 218 13.30 4.12 -5.13
CA LEU B 218 12.84 5.23 -5.95
C LEU B 218 12.65 6.51 -5.13
N SER B 219 12.20 6.36 -3.89
CA SER B 219 12.09 7.59 -3.06
C SER B 219 13.46 8.28 -2.93
N ARG B 220 14.53 7.46 -2.71
CA ARG B 220 15.91 7.99 -2.60
C ARG B 220 16.38 8.54 -3.95
N LEU B 221 16.06 7.83 -5.03
CA LEU B 221 16.44 8.35 -6.37
C LEU B 221 15.79 9.73 -6.65
N ILE B 222 14.51 9.85 -6.33
CA ILE B 222 13.75 11.08 -6.52
C ILE B 222 14.51 12.15 -5.70
N ASP B 223 14.82 11.85 -4.44
CA ASP B 223 15.48 12.86 -3.60
C ASP B 223 16.85 13.27 -4.12
N SER B 224 17.62 12.33 -4.71
CA SER B 224 18.91 12.64 -5.28
C SER B 224 18.82 13.64 -6.44
N LYS B 225 17.67 13.74 -7.09
CA LYS B 225 17.52 14.68 -8.24
C LYS B 225 17.45 16.13 -7.78
N ARG B 226 16.95 16.31 -6.56
CA ARG B 226 16.57 17.65 -6.07
C ARG B 226 17.77 18.58 -6.04
N GLY B 227 17.63 19.72 -6.71
CA GLY B 227 18.73 20.74 -6.79
C GLY B 227 19.92 20.29 -7.67
N GLN B 228 19.75 19.28 -8.53
CA GLN B 228 20.83 18.88 -9.41
C GLN B 228 20.68 19.41 -10.83
N ASP B 229 19.61 20.15 -11.09
CA ASP B 229 19.33 20.73 -12.40
C ASP B 229 19.46 19.71 -13.55
N GLY B 230 19.09 18.43 -13.30
CA GLY B 230 19.13 17.40 -14.39
C GLY B 230 18.00 17.68 -15.40
N GLU B 231 18.14 17.15 -16.61
CA GLU B 231 17.16 17.38 -17.71
C GLU B 231 16.34 16.15 -18.10
N ASP B 232 16.64 15.01 -17.44
CA ASP B 232 15.90 13.75 -17.66
C ASP B 232 14.46 13.91 -17.12
N LEU B 233 13.55 13.00 -17.52
CA LEU B 233 12.14 13.09 -17.16
C LEU B 233 11.90 13.03 -15.63
N LEU B 234 12.68 12.25 -14.90
CA LEU B 234 12.41 12.19 -13.46
C LEU B 234 12.70 13.55 -12.81
N SER B 235 13.85 14.12 -13.13
CA SER B 235 14.22 15.48 -12.60
C SER B 235 13.12 16.50 -12.94
N ALA B 236 12.54 16.38 -14.15
CA ALA B 236 11.47 17.33 -14.52
C ALA B 236 10.23 17.10 -13.67
N LEU B 237 9.86 15.84 -13.47
CA LEU B 237 8.69 15.52 -12.55
C LEU B 237 8.92 15.96 -11.10
N VAL B 238 10.13 15.75 -10.62
CA VAL B 238 10.48 16.20 -9.24
C VAL B 238 10.26 17.67 -9.13
N ARG B 239 10.71 18.48 -10.12
CA ARG B 239 10.49 19.92 -9.98
C ARG B 239 9.03 20.20 -10.11
N THR B 240 8.35 19.49 -11.02
CA THR B 240 6.90 19.72 -11.13
C THR B 240 6.17 19.47 -9.80
N SER B 241 6.52 18.37 -9.12
CA SER B 241 5.90 18.08 -7.83
C SER B 241 6.32 19.10 -6.76
N ASP B 242 7.60 19.46 -6.79
CA ASP B 242 8.09 20.38 -5.72
C ASP B 242 7.56 21.76 -5.90
N GLU B 243 7.43 22.21 -7.15
CA GLU B 243 6.73 23.46 -7.41
C GLU B 243 5.25 23.53 -7.02
N ASP B 244 4.48 22.47 -7.30
CA ASP B 244 3.08 22.46 -6.89
C ASP B 244 2.61 21.02 -6.54
N GLY B 245 2.47 20.78 -5.24
CA GLY B 245 2.17 19.42 -4.74
C GLY B 245 0.74 19.02 -5.03
N SER B 246 -0.10 20.01 -5.31
CA SER B 246 -1.47 19.69 -5.75
C SER B 246 -1.50 19.23 -7.22
N ARG B 247 -0.48 19.57 -8.03
CA ARG B 247 -0.47 19.08 -9.41
C ARG B 247 0.11 17.63 -9.53
N LEU B 248 1.09 17.29 -8.69
CA LEU B 248 1.67 15.99 -8.59
C LEU B 248 2.11 15.85 -7.12
N THR B 249 1.37 15.05 -6.33
CA THR B 249 1.77 14.83 -4.97
C THR B 249 3.07 14.03 -4.91
N SER B 250 3.72 14.10 -3.75
CA SER B 250 4.88 13.24 -3.49
C SER B 250 4.55 11.75 -3.67
N GLU B 251 3.41 11.26 -3.19
CA GLU B 251 3.10 9.85 -3.50
C GLU B 251 2.82 9.56 -4.97
N GLU B 252 2.19 10.51 -5.65
CA GLU B 252 1.96 10.36 -7.11
C GLU B 252 3.27 10.49 -7.88
N LEU B 253 4.24 11.23 -7.33
CA LEU B 253 5.54 11.39 -7.97
C LEU B 253 6.23 10.08 -7.98
N LEU B 254 6.09 9.35 -6.86
CA LEU B 254 6.75 8.02 -6.76
C LEU B 254 5.95 7.06 -7.66
N GLY B 255 4.63 7.15 -7.61
CA GLY B 255 3.83 6.20 -8.40
C GLY B 255 4.11 6.34 -9.89
N MET B 256 4.40 7.56 -10.32
CA MET B 256 4.65 7.80 -11.73
C MET B 256 5.96 7.19 -12.15
N ALA B 257 7.02 7.34 -11.33
CA ALA B 257 8.33 6.68 -11.61
C ALA B 257 8.14 5.13 -11.63
N HIS B 258 7.40 4.62 -10.66
CA HIS B 258 7.12 3.20 -10.59
C HIS B 258 6.39 2.75 -11.86
N ILE B 259 5.27 3.39 -12.20
CA ILE B 259 4.47 2.92 -13.34
C ILE B 259 5.24 3.01 -14.64
N LEU B 260 5.97 4.11 -14.86
CA LEU B 260 6.74 4.26 -16.11
C LEU B 260 7.82 3.21 -16.25
N LEU B 261 8.44 2.87 -15.12
CA LEU B 261 9.48 1.83 -15.07
C LEU B 261 8.94 0.44 -15.25
N VAL B 262 7.88 0.07 -14.50
CA VAL B 262 7.39 -1.32 -14.56
C VAL B 262 6.52 -1.60 -15.76
N ALA B 263 5.75 -0.61 -16.19
CA ALA B 263 4.67 -0.93 -17.17
C ALA B 263 5.25 -1.27 -18.52
N GLY B 264 6.41 -0.68 -18.81
CA GLY B 264 7.17 -0.94 -20.04
C GLY B 264 8.23 -2.03 -20.01
N HIS B 265 8.40 -2.73 -18.88
CA HIS B 265 9.54 -3.64 -18.82
C HIS B 265 9.15 -5.05 -19.22
N GLU B 266 8.44 -5.78 -18.35
CA GLU B 266 8.06 -7.13 -18.70
C GLU B 266 7.34 -7.17 -20.07
N THR B 267 6.54 -6.13 -20.35
CA THR B 267 5.90 -6.02 -21.66
C THR B 267 6.93 -5.95 -22.76
N THR B 268 7.82 -4.95 -22.77
CA THR B 268 8.67 -4.77 -23.96
C THR B 268 9.64 -5.91 -24.07
N VAL B 269 10.22 -6.31 -22.94
CA VAL B 269 11.11 -7.53 -22.94
C VAL B 269 10.42 -8.69 -23.66
N ASN B 270 9.22 -9.01 -23.16
CA ASN B 270 8.51 -10.18 -23.68
C ASN B 270 7.93 -10.02 -25.09
N LEU B 271 7.59 -8.78 -25.51
CA LEU B 271 7.25 -8.59 -26.96
C LEU B 271 8.46 -9.00 -27.76
N ILE B 272 9.63 -8.52 -27.33
CA ILE B 272 10.84 -8.79 -28.12
C ILE B 272 11.17 -10.26 -28.15
N ALA B 273 11.13 -10.91 -26.98
CA ALA B 273 11.35 -12.38 -26.96
C ALA B 273 10.25 -13.20 -27.64
N ASN B 274 9.00 -12.96 -27.28
CA ASN B 274 7.87 -13.71 -27.89
C ASN B 274 7.84 -13.55 -29.39
N GLY B 275 8.10 -12.30 -29.80
CA GLY B 275 7.97 -11.89 -31.18
C GLY B 275 9.05 -12.58 -31.99
N MET B 276 10.25 -12.66 -31.43
CA MET B 276 11.39 -13.30 -32.17
C MET B 276 11.25 -14.79 -32.20
N TYR B 277 10.68 -15.32 -31.12
CA TYR B 277 10.36 -16.74 -31.08
C TYR B 277 9.33 -17.10 -32.19
N ALA B 278 8.30 -16.25 -32.33
CA ALA B 278 7.26 -16.53 -33.32
C ALA B 278 7.87 -16.53 -34.73
N LEU B 279 8.73 -15.55 -34.97
CA LEU B 279 9.40 -15.39 -36.26
C LEU B 279 10.33 -16.57 -36.53
N LEU B 280 11.10 -16.97 -35.53
CA LEU B 280 12.15 -17.97 -35.82
C LEU B 280 11.55 -19.37 -36.06
N SER B 281 10.39 -19.62 -35.48
CA SER B 281 9.71 -20.90 -35.55
C SER B 281 8.72 -20.92 -36.70
N HIS B 282 8.68 -19.86 -37.53
CA HIS B 282 7.84 -19.83 -38.74
C HIS B 282 8.66 -19.48 -39.98
N PRO B 283 9.31 -20.50 -40.58
CA PRO B 283 10.39 -20.20 -41.52
C PRO B 283 9.93 -19.45 -42.78
N ASP B 284 8.70 -19.69 -43.26
CA ASP B 284 8.22 -18.92 -44.42
C ASP B 284 8.09 -17.42 -44.09
N GLN B 285 7.69 -17.12 -42.86
CA GLN B 285 7.48 -15.74 -42.39
C GLN B 285 8.83 -15.03 -42.22
N LEU B 286 9.80 -15.78 -41.73
CA LEU B 286 11.17 -15.30 -41.55
C LEU B 286 11.78 -15.04 -42.89
N ALA B 287 11.65 -15.99 -43.85
CA ALA B 287 12.17 -15.80 -45.19
C ALA B 287 11.60 -14.55 -45.87
N ALA B 288 10.28 -14.43 -45.79
CA ALA B 288 9.57 -13.28 -46.39
C ALA B 288 10.09 -11.94 -45.85
N LEU B 289 10.23 -11.85 -44.53
CA LEU B 289 10.72 -10.61 -43.91
C LEU B 289 12.14 -10.36 -44.34
N ARG B 290 12.97 -11.41 -44.41
CA ARG B 290 14.34 -11.27 -44.88
C ARG B 290 14.44 -10.73 -46.29
N ALA B 291 13.56 -11.17 -47.19
CA ALA B 291 13.60 -10.71 -48.61
C ALA B 291 13.01 -9.32 -48.81
N ASP B 292 12.11 -8.95 -47.89
CA ASP B 292 11.41 -7.68 -47.96
C ASP B 292 11.31 -7.06 -46.55
N MET B 293 12.35 -6.32 -46.17
CA MET B 293 12.33 -5.64 -44.87
C MET B 293 11.31 -4.52 -44.76
N THR B 294 10.69 -4.12 -45.87
CA THR B 294 9.55 -3.21 -45.73
C THR B 294 8.38 -3.89 -45.01
N LEU B 295 8.43 -5.20 -44.87
CA LEU B 295 7.37 -5.87 -44.14
C LEU B 295 7.57 -5.74 -42.63
N LEU B 296 8.69 -5.17 -42.19
CA LEU B 296 9.02 -5.11 -40.73
C LEU B 296 7.86 -4.65 -39.79
N ASP B 297 7.27 -3.50 -40.08
CA ASP B 297 6.31 -2.91 -39.13
C ASP B 297 5.11 -3.82 -39.01
N GLY B 298 4.72 -4.45 -40.15
CA GLY B 298 3.52 -5.31 -40.14
C GLY B 298 3.84 -6.56 -39.28
N ALA B 299 5.06 -7.04 -39.39
CA ALA B 299 5.54 -8.22 -38.66
C ALA B 299 5.49 -7.96 -37.15
N VAL B 300 5.91 -6.75 -36.74
CA VAL B 300 5.83 -6.39 -35.33
C VAL B 300 4.38 -6.31 -34.80
N GLU B 301 3.44 -5.77 -35.62
CA GLU B 301 2.02 -5.77 -35.24
C GLU B 301 1.52 -7.21 -35.08
N GLU B 302 2.03 -8.12 -35.92
CA GLU B 302 1.48 -9.46 -35.89
C GLU B 302 2.15 -10.19 -34.72
N MET B 303 3.36 -9.77 -34.37
CA MET B 303 3.95 -10.29 -33.12
C MET B 303 3.11 -9.92 -31.92
N LEU B 304 2.64 -8.66 -31.87
CA LEU B 304 1.71 -8.22 -30.83
C LEU B 304 0.40 -8.96 -30.81
N ARG B 305 -0.18 -9.17 -32.00
CA ARG B 305 -1.47 -9.82 -32.15
C ARG B 305 -1.33 -11.31 -31.72
N TYR B 306 -0.32 -12.01 -32.26
CA TYR B 306 -0.18 -13.47 -32.20
C TYR B 306 0.37 -13.93 -30.85
N GLU B 307 1.40 -13.22 -30.35
CA GLU B 307 2.13 -13.68 -29.16
C GLU B 307 2.52 -12.48 -28.30
N GLY B 308 1.60 -11.52 -28.14
CA GLY B 308 1.84 -10.37 -27.23
C GLY B 308 2.14 -10.68 -25.77
N PRO B 309 2.90 -9.81 -25.10
CA PRO B 309 3.32 -10.09 -23.73
C PRO B 309 2.19 -9.93 -22.67
N VAL B 310 1.16 -9.14 -22.97
CA VAL B 310 0.09 -8.99 -22.00
C VAL B 310 -0.99 -10.04 -22.26
N GLU B 311 -0.90 -11.15 -21.56
CA GLU B 311 -1.87 -12.24 -21.69
C GLU B 311 -3.26 -11.85 -21.19
N SER B 312 -3.31 -11.20 -20.03
CA SER B 312 -4.52 -10.63 -19.47
C SER B 312 -4.20 -9.24 -19.00
N ALA B 313 -5.16 -8.32 -19.11
CA ALA B 313 -4.96 -6.91 -18.76
C ALA B 313 -4.99 -6.76 -17.23
N THR B 314 -4.64 -5.57 -16.76
CA THR B 314 -4.43 -5.34 -15.35
C THR B 314 -5.79 -5.26 -14.65
N TYR B 315 -5.78 -5.39 -13.31
CA TYR B 315 -7.03 -5.59 -12.54
C TYR B 315 -8.14 -4.59 -12.78
N ARG B 316 -9.36 -5.12 -12.94
CA ARG B 316 -10.53 -4.30 -13.07
C ARG B 316 -11.56 -4.67 -12.00
N PHE B 317 -12.31 -3.69 -11.48
CA PHE B 317 -13.22 -3.89 -10.36
C PHE B 317 -14.57 -3.29 -10.70
N PRO B 318 -15.61 -4.16 -10.80
CA PRO B 318 -16.93 -3.60 -11.13
C PRO B 318 -17.37 -2.67 -10.02
N VAL B 319 -17.80 -1.48 -10.34
CA VAL B 319 -18.24 -0.58 -9.28
C VAL B 319 -19.58 -1.04 -8.72
N GLU B 320 -20.40 -1.66 -9.57
CA GLU B 320 -21.67 -2.28 -9.17
C GLU B 320 -21.65 -3.68 -9.81
N PRO B 321 -22.58 -4.59 -9.41
CA PRO B 321 -22.67 -5.86 -10.10
C PRO B 321 -22.81 -5.67 -11.61
N VAL B 322 -22.16 -6.51 -12.40
CA VAL B 322 -22.28 -6.42 -13.83
C VAL B 322 -22.68 -7.78 -14.38
N ASP B 323 -23.76 -7.76 -15.12
CA ASP B 323 -24.31 -8.96 -15.75
C ASP B 323 -23.75 -9.01 -17.16
N LEU B 324 -22.95 -10.04 -17.46
CA LEU B 324 -22.42 -10.24 -18.86
C LEU B 324 -23.03 -11.50 -19.40
N ASP B 325 -24.01 -11.33 -20.30
N ASP B 325 -24.00 -11.35 -20.32
CA ASP B 325 -24.75 -12.47 -20.89
CA ASP B 325 -24.70 -12.52 -20.88
C ASP B 325 -25.34 -13.42 -19.86
C ASP B 325 -25.31 -13.45 -19.84
N GLY B 326 -25.90 -12.88 -18.78
CA GLY B 326 -26.51 -13.70 -17.73
C GLY B 326 -25.59 -14.16 -16.63
N THR B 327 -24.29 -13.92 -16.73
CA THR B 327 -23.35 -14.23 -15.65
C THR B 327 -23.07 -12.93 -14.88
N VAL B 328 -23.29 -12.94 -13.56
CA VAL B 328 -23.16 -11.67 -12.82
C VAL B 328 -21.82 -11.62 -12.11
N ILE B 329 -20.99 -10.65 -12.46
CA ILE B 329 -19.77 -10.48 -11.69
C ILE B 329 -20.08 -9.51 -10.50
N PRO B 330 -19.85 -9.94 -9.23
CA PRO B 330 -20.18 -9.12 -8.05
C PRO B 330 -19.41 -7.81 -8.03
N ALA B 331 -20.02 -6.77 -7.47
CA ALA B 331 -19.28 -5.55 -7.19
C ALA B 331 -17.97 -5.84 -6.42
N GLY B 332 -16.87 -5.19 -6.85
CA GLY B 332 -15.59 -5.30 -6.14
C GLY B 332 -14.73 -6.52 -6.44
N ASP B 333 -15.24 -7.49 -7.22
CA ASP B 333 -14.41 -8.65 -7.58
C ASP B 333 -13.29 -8.21 -8.54
N THR B 334 -12.25 -9.03 -8.65
CA THR B 334 -11.14 -8.77 -9.55
C THR B 334 -11.44 -9.40 -10.92
N VAL B 335 -11.25 -8.63 -12.00
CA VAL B 335 -11.58 -9.10 -13.35
C VAL B 335 -10.36 -8.94 -14.27
N LEU B 336 -9.98 -9.99 -14.97
CA LEU B 336 -8.88 -9.98 -15.87
C LEU B 336 -9.44 -10.13 -17.27
N VAL B 337 -9.21 -9.13 -18.10
CA VAL B 337 -9.61 -9.29 -19.48
C VAL B 337 -8.52 -10.09 -20.18
N VAL B 338 -8.92 -11.16 -20.83
CA VAL B 338 -7.91 -11.99 -21.49
C VAL B 338 -7.68 -11.59 -22.96
N LEU B 339 -6.69 -10.70 -23.13
CA LEU B 339 -6.25 -10.18 -24.45
C LEU B 339 -5.80 -11.32 -25.36
N ALA B 340 -5.07 -12.33 -24.82
CA ALA B 340 -4.61 -13.48 -25.60
C ALA B 340 -5.78 -14.23 -26.32
N ASP B 341 -6.89 -14.41 -25.62
CA ASP B 341 -8.08 -15.00 -26.26
C ASP B 341 -8.81 -14.05 -27.23
N ALA B 342 -8.91 -12.77 -26.89
CA ALA B 342 -9.44 -11.78 -27.84
C ALA B 342 -8.69 -12.00 -29.16
N HIS B 343 -7.39 -12.24 -29.06
CA HIS B 343 -6.56 -12.36 -30.22
C HIS B 343 -6.68 -13.63 -31.02
N ARG B 344 -7.30 -14.65 -30.44
CA ARG B 344 -7.49 -15.92 -31.17
C ARG B 344 -8.97 -16.12 -31.49
N THR B 345 -9.76 -15.03 -31.42
CA THR B 345 -11.19 -15.10 -31.73
C THR B 345 -11.32 -15.09 -33.26
N PRO B 346 -11.74 -16.23 -33.86
CA PRO B 346 -11.68 -16.37 -35.35
C PRO B 346 -12.61 -15.41 -36.08
N GLU B 347 -13.67 -14.97 -35.44
CA GLU B 347 -14.57 -13.97 -36.06
C GLU B 347 -13.88 -12.63 -36.26
N ARG B 348 -12.86 -12.32 -35.43
CA ARG B 348 -12.16 -11.05 -35.60
C ARG B 348 -10.81 -11.15 -36.34
N PHE B 349 -10.12 -12.29 -36.16
CA PHE B 349 -8.79 -12.54 -36.78
C PHE B 349 -8.88 -13.92 -37.45
N PRO B 350 -9.27 -13.94 -38.74
CA PRO B 350 -9.44 -15.23 -39.44
C PRO B 350 -8.20 -16.09 -39.35
N ASP B 351 -8.37 -17.40 -39.24
CA ASP B 351 -7.25 -18.35 -39.13
C ASP B 351 -6.33 -17.87 -37.98
N PRO B 352 -6.90 -17.65 -36.82
CA PRO B 352 -6.22 -16.94 -35.69
C PRO B 352 -4.94 -17.62 -35.18
N HIS B 353 -4.82 -18.93 -35.37
N HIS B 353 -4.86 -18.93 -35.42
CA HIS B 353 -3.59 -19.63 -34.90
CA HIS B 353 -3.72 -19.80 -35.06
C HIS B 353 -2.43 -19.54 -35.94
C HIS B 353 -2.47 -19.54 -35.94
N ARG B 354 -2.67 -18.89 -37.08
CA ARG B 354 -1.59 -18.63 -38.04
C ARG B 354 -0.80 -17.34 -37.75
N PHE B 355 0.53 -17.44 -37.61
CA PHE B 355 1.41 -16.25 -37.51
C PHE B 355 1.62 -15.83 -38.94
N ASP B 356 0.99 -14.72 -39.33
CA ASP B 356 1.10 -14.25 -40.69
C ASP B 356 1.50 -12.75 -40.70
N ILE B 357 2.74 -12.45 -41.04
CA ILE B 357 3.22 -11.04 -40.88
C ILE B 357 2.46 -10.08 -41.83
N ARG B 358 1.79 -10.65 -42.83
CA ARG B 358 1.03 -9.82 -43.76
C ARG B 358 -0.47 -9.65 -43.42
N ARG B 359 -0.96 -10.28 -42.37
CA ARG B 359 -2.40 -10.19 -42.08
C ARG B 359 -2.83 -8.76 -41.68
N ASP B 360 -4.13 -8.54 -41.74
CA ASP B 360 -4.63 -7.29 -41.23
C ASP B 360 -4.72 -7.39 -39.71
N THR B 361 -3.95 -6.57 -39.01
CA THR B 361 -3.87 -6.69 -37.53
C THR B 361 -4.70 -5.61 -36.85
N ALA B 362 -5.34 -4.73 -37.63
CA ALA B 362 -6.00 -3.53 -37.05
C ALA B 362 -7.04 -3.99 -36.04
N GLY B 363 -7.19 -3.26 -34.93
CA GLY B 363 -8.08 -3.68 -33.87
C GLY B 363 -7.43 -4.58 -32.79
N HIS B 364 -6.15 -4.93 -32.85
CA HIS B 364 -5.64 -5.82 -31.80
C HIS B 364 -5.64 -5.00 -30.46
N LEU B 365 -5.65 -5.72 -29.35
CA LEU B 365 -5.86 -5.14 -28.05
C LEU B 365 -4.54 -5.21 -27.28
N ALA B 366 -3.43 -5.46 -27.97
CA ALA B 366 -2.15 -5.68 -27.28
C ALA B 366 -1.74 -4.52 -26.38
N PHE B 367 -2.22 -3.29 -26.72
CA PHE B 367 -1.89 -2.09 -25.97
C PHE B 367 -3.13 -1.63 -25.20
N GLY B 368 -4.17 -2.47 -25.12
CA GLY B 368 -5.37 -2.10 -24.40
C GLY B 368 -6.31 -1.32 -25.31
N HIS B 369 -7.24 -0.61 -24.68
CA HIS B 369 -8.33 0.05 -25.39
C HIS B 369 -9.10 0.95 -24.45
N GLY B 370 -9.34 2.18 -24.87
CA GLY B 370 -10.06 3.08 -23.94
C GLY B 370 -9.11 4.06 -23.26
N ILE B 371 -9.53 4.56 -22.11
CA ILE B 371 -8.75 5.66 -21.52
C ILE B 371 -7.34 5.19 -21.08
N HIS B 372 -7.17 3.88 -20.83
CA HIS B 372 -5.89 3.40 -20.30
C HIS B 372 -5.04 2.89 -21.41
N PHE B 373 -5.42 3.15 -22.65
CA PHE B 373 -4.61 2.62 -23.80
C PHE B 373 -3.12 3.02 -23.65
N CYS B 374 -2.21 2.09 -23.91
CA CYS B 374 -0.79 2.24 -23.58
C CYS B 374 -0.21 3.59 -24.06
N ILE B 375 0.18 4.45 -23.12
CA ILE B 375 0.91 5.65 -23.45
C ILE B 375 2.31 5.39 -24.10
N GLY B 376 2.92 4.23 -23.87
CA GLY B 376 4.26 4.02 -24.39
C GLY B 376 4.28 3.28 -25.72
N ALA B 377 3.11 3.09 -26.34
CA ALA B 377 2.98 2.33 -27.59
C ALA B 377 4.02 2.77 -28.66
N PRO B 378 4.09 4.10 -28.95
CA PRO B 378 5.08 4.53 -29.91
C PRO B 378 6.54 4.16 -29.51
N LEU B 379 6.90 4.32 -28.26
CA LEU B 379 8.22 3.85 -27.81
C LEU B 379 8.41 2.31 -27.92
N ALA B 380 7.38 1.56 -27.48
CA ALA B 380 7.40 0.09 -27.57
C ALA B 380 7.67 -0.36 -29.02
N ARG B 381 6.94 0.24 -29.95
CA ARG B 381 7.07 -0.10 -31.39
C ARG B 381 8.45 0.27 -31.93
N LEU B 382 8.94 1.44 -31.51
CA LEU B 382 10.26 1.91 -31.96
C LEU B 382 11.34 0.90 -31.52
N GLU B 383 11.35 0.51 -30.23
CA GLU B 383 12.33 -0.47 -29.73
C GLU B 383 12.20 -1.84 -30.42
N ALA B 384 10.97 -2.36 -30.51
CA ALA B 384 10.74 -3.64 -31.18
C ALA B 384 11.20 -3.67 -32.64
N ARG B 385 10.69 -2.71 -33.42
CA ARG B 385 11.11 -2.58 -34.82
C ARG B 385 12.64 -2.48 -34.96
N ILE B 386 13.32 -1.63 -34.15
CA ILE B 386 14.81 -1.56 -34.32
C ILE B 386 15.51 -2.89 -33.94
N ALA B 387 15.03 -3.53 -32.89
CA ALA B 387 15.63 -4.79 -32.41
C ALA B 387 15.39 -5.92 -33.40
N VAL B 388 14.15 -6.11 -33.87
CA VAL B 388 13.92 -7.15 -34.95
C VAL B 388 14.82 -6.92 -36.19
N ARG B 389 14.86 -5.69 -36.65
CA ARG B 389 15.70 -5.35 -37.82
C ARG B 389 17.18 -5.69 -37.60
N ALA B 390 17.74 -5.23 -36.47
CA ALA B 390 19.14 -5.50 -36.11
C ALA B 390 19.42 -6.99 -36.03
N LEU B 391 18.54 -7.76 -35.37
CA LEU B 391 18.76 -9.19 -35.29
C LEU B 391 18.82 -9.86 -36.70
N LEU B 392 17.85 -9.52 -37.55
CA LEU B 392 17.87 -10.04 -38.92
C LEU B 392 19.06 -9.53 -39.75
N GLU B 393 19.37 -8.25 -39.71
CA GLU B 393 20.46 -7.73 -40.55
C GLU B 393 21.83 -8.19 -40.06
N ARG B 394 21.97 -8.44 -38.76
CA ARG B 394 23.32 -8.74 -38.26
C ARG B 394 23.60 -10.16 -37.79
N CYS B 395 22.63 -11.05 -37.81
CA CYS B 395 22.93 -12.38 -37.37
C CYS B 395 22.66 -13.31 -38.51
N PRO B 396 23.71 -13.54 -39.31
CA PRO B 396 23.52 -14.34 -40.50
C PRO B 396 22.98 -15.71 -40.12
N ASP B 397 21.91 -16.10 -40.80
CA ASP B 397 21.28 -17.39 -40.57
C ASP B 397 20.82 -17.56 -39.15
N LEU B 398 20.41 -16.45 -38.52
CA LEU B 398 19.85 -16.49 -37.19
C LEU B 398 18.84 -17.60 -37.08
N ALA B 399 18.93 -18.40 -36.02
CA ALA B 399 18.05 -19.51 -35.85
C ALA B 399 17.76 -19.82 -34.38
N LEU B 400 16.61 -20.45 -34.14
CA LEU B 400 16.30 -21.03 -32.84
C LEU B 400 17.31 -22.13 -32.56
N ASP B 401 17.69 -22.25 -31.31
CA ASP B 401 18.71 -23.20 -30.91
C ASP B 401 18.11 -24.05 -29.80
N VAL B 402 16.84 -24.38 -29.93
CA VAL B 402 16.15 -25.25 -28.97
C VAL B 402 14.84 -25.65 -29.61
N SER B 403 14.28 -26.77 -29.17
CA SER B 403 12.95 -27.19 -29.68
C SER B 403 11.80 -26.56 -28.85
N PRO B 404 10.64 -26.36 -29.48
CA PRO B 404 9.42 -25.98 -28.75
C PRO B 404 9.26 -26.66 -27.38
N GLY B 405 9.68 -27.92 -27.30
CA GLY B 405 9.59 -28.70 -26.06
C GLY B 405 10.47 -28.23 -24.91
N GLU B 406 11.64 -27.66 -25.20
CA GLU B 406 12.54 -27.28 -24.12
C GLU B 406 12.30 -25.87 -23.57
N LEU B 407 11.48 -25.07 -24.27
CA LEU B 407 11.18 -23.70 -23.82
C LEU B 407 10.38 -23.78 -22.54
N VAL B 408 10.56 -22.84 -21.66
CA VAL B 408 9.72 -22.84 -20.50
C VAL B 408 9.11 -21.46 -20.31
N TRP B 409 7.82 -21.47 -20.04
CA TRP B 409 6.97 -20.28 -19.96
C TRP B 409 6.60 -19.96 -18.52
N TYR B 410 6.53 -18.70 -18.18
CA TYR B 410 6.10 -18.32 -16.85
C TYR B 410 4.60 -18.46 -16.67
N PRO B 411 4.17 -18.76 -15.44
CA PRO B 411 2.77 -19.07 -15.17
C PRO B 411 1.86 -17.87 -14.82
N ASN B 412 2.43 -16.70 -14.58
CA ASN B 412 1.61 -15.54 -14.29
C ASN B 412 0.56 -15.35 -15.36
N PRO B 413 -0.73 -15.36 -14.96
CA PRO B 413 -1.89 -15.13 -15.84
C PRO B 413 -1.77 -13.84 -16.70
N MET B 414 -1.08 -12.85 -16.20
CA MET B 414 -1.00 -11.57 -16.88
C MET B 414 0.06 -11.44 -17.98
N ILE B 415 1.17 -12.15 -17.83
CA ILE B 415 2.33 -12.03 -18.70
C ILE B 415 2.68 -13.31 -19.45
N ARG B 416 2.73 -13.23 -20.77
CA ARG B 416 3.12 -14.36 -21.56
C ARG B 416 4.62 -14.21 -21.85
N GLY B 417 5.44 -15.07 -21.27
CA GLY B 417 6.87 -14.85 -21.49
C GLY B 417 7.73 -16.04 -21.18
N LEU B 418 8.88 -16.09 -21.85
CA LEU B 418 9.84 -17.18 -21.74
C LEU B 418 10.84 -16.98 -20.60
N LYS B 419 11.35 -18.08 -20.03
CA LYS B 419 12.47 -17.97 -19.07
C LYS B 419 13.73 -17.70 -19.86
N ALA B 420 13.85 -18.25 -21.07
CA ALA B 420 15.06 -18.06 -21.87
C ALA B 420 14.74 -18.25 -23.32
N LEU B 421 15.57 -17.71 -24.21
CA LEU B 421 15.34 -17.97 -25.62
C LEU B 421 16.67 -18.25 -26.32
N PRO B 422 17.05 -19.54 -26.31
CA PRO B 422 18.33 -19.93 -26.93
C PRO B 422 18.30 -19.78 -28.47
N ILE B 423 19.34 -19.13 -29.02
CA ILE B 423 19.48 -18.82 -30.43
C ILE B 423 20.91 -19.11 -30.91
N ARG B 424 21.11 -19.10 -32.23
CA ARG B 424 22.39 -19.38 -32.84
C ARG B 424 22.43 -18.67 -34.19
N TRP B 425 23.62 -18.37 -34.66
CA TRP B 425 23.79 -17.71 -35.99
C TRP B 425 25.06 -18.30 -36.62
N ARG B 426 25.26 -18.16 -37.94
CA ARG B 426 26.42 -18.85 -38.58
C ARG B 426 27.77 -18.22 -38.19
CHA HEM C . -8.58 6.71 26.75
CHB HEM C . -4.16 5.40 25.28
CHC HEM C . -5.71 1.01 23.95
CHD HEM C . -10.23 2.46 24.75
C1A HEM C . -7.21 6.74 26.45
C2A HEM C . -6.33 7.84 26.73
C3A HEM C . -5.11 7.53 26.31
C4A HEM C . -5.19 6.16 25.78
CMA HEM C . -3.85 8.46 26.38
CAA HEM C . -6.85 9.16 27.38
CBA HEM C . -6.93 10.28 26.30
CGA HEM C . -7.04 11.69 26.91
O1A HEM C . -7.17 12.75 26.17
O2A HEM C . -7.02 11.82 28.16
C1B HEM C . -4.24 4.13 24.82
C2B HEM C . -3.08 3.41 24.31
C3B HEM C . -3.50 2.20 23.96
C4B HEM C . -4.95 2.13 24.15
CMB HEM C . -1.63 3.98 24.33
CAB HEM C . -2.62 1.08 23.32
CBB HEM C . -1.44 0.81 23.83
C1C HEM C . -7.05 1.00 24.10
C2C HEM C . -7.89 -0.14 23.77
C3C HEM C . -9.17 0.29 23.99
C4C HEM C . -9.12 1.68 24.43
CMC HEM C . -7.34 -1.54 23.34
CAC HEM C . -10.57 -0.39 23.90
CBC HEM C . -10.81 -1.67 24.11
C1D HEM C . -10.20 3.75 25.29
C2D HEM C . -11.40 4.47 25.61
C3D HEM C . -10.89 5.76 26.24
C4D HEM C . -9.46 5.73 26.25
CMD HEM C . -12.86 4.00 25.36
CAD HEM C . -11.78 6.87 26.77
CBD HEM C . -11.91 6.47 28.24
CGD HEM C . -12.61 7.61 29.00
O1D HEM C . -12.85 8.73 28.42
O2D HEM C . -12.96 7.44 30.22
NA HEM C . -6.45 5.70 25.94
NB HEM C . -5.38 3.29 24.74
NC HEM C . -7.81 2.08 24.50
ND HEM C . -9.12 4.52 25.73
FE HEM C . -7.14 3.84 25.34
S SO4 D . -26.34 -2.44 31.79
O1 SO4 D . -25.42 -2.79 30.72
O2 SO4 D . -25.58 -1.97 32.94
O3 SO4 D . -27.20 -1.35 31.34
O4 SO4 D . -27.12 -3.66 32.03
O5 QLE E . -6.36 8.04 15.83
C22 QLE E . -6.53 9.15 16.38
C20 QLE E . -7.26 10.31 15.71
C21 QLE E . -6.31 11.47 15.43
C19 QLE E . -8.48 10.74 16.58
C17 QLE E . -9.45 9.59 16.91
C18 QLE E . -10.10 9.18 15.60
C11 QLE E . -10.54 9.99 17.92
O3 QLE E . -11.05 11.25 17.47
C12 QLE E . -12.48 11.35 17.32
O4 QLE E . -13.16 10.35 17.25
C13 QLE E . -13.01 12.73 17.31
C14 QLE E . -14.50 12.75 17.03
N QLE E . -14.98 14.01 17.56
C16 QLE E . -16.40 14.03 17.24
C15 QLE E . -14.37 15.12 16.81
C9 QLE E . -10.09 10.16 19.37
C10 QLE E . -11.27 10.40 20.33
C8 QLE E . -9.37 8.91 19.80
O2 QLE E . -9.94 7.80 19.76
O1 QLE E . -7.99 9.11 20.19
C5 QLE E . -7.18 7.98 20.50
C6 QLE E . -7.40 7.54 21.97
C7 QLE E . -6.46 8.30 22.77
C3 QLE E . -5.77 8.29 19.98
C4 QLE E . -5.12 9.61 20.44
C2 QLE E . -6.09 8.33 18.53
C1 QLE E . -6.09 9.39 17.77
S SO4 F . -16.11 -10.31 36.76
O1 SO4 F . -17.54 -10.45 36.43
O2 SO4 F . -15.41 -11.59 36.97
O3 SO4 F . -15.53 -9.67 35.59
O4 SO4 F . -15.98 -9.53 38.02
S SO4 G . -12.88 4.88 0.67
O1 SO4 G . -13.41 6.02 -0.12
O2 SO4 G . -11.91 4.00 -0.02
O3 SO4 G . -12.27 5.58 1.84
O4 SO4 G . -13.99 3.94 1.00
S SO4 H . 16.19 19.07 27.54
O1 SO4 H . 16.61 17.71 27.23
O2 SO4 H . 17.23 19.77 28.29
O3 SO4 H . 15.94 19.79 26.28
O4 SO4 H . 14.95 19.01 28.33
S SO4 I . -25.47 17.85 23.75
O1 SO4 I . -26.18 16.61 24.09
O2 SO4 I . -25.68 18.16 22.34
O3 SO4 I . -25.97 18.94 24.59
O4 SO4 I . -24.04 17.69 23.98
S SO4 J . -37.02 0.59 31.57
O1 SO4 J . -37.74 -0.27 30.60
O2 SO4 J . -35.69 0.07 31.88
O3 SO4 J . -36.89 1.96 31.09
O4 SO4 J . -37.80 0.69 32.79
C1 GOL K . -9.46 14.19 16.81
O1 GOL K . -9.35 14.94 15.63
C2 GOL K . -9.63 15.15 17.96
O2 GOL K . -10.97 15.61 17.93
C3 GOL K . -9.37 14.32 19.23
O3 GOL K . -9.81 14.97 20.41
C1 GOL L . -27.28 13.54 29.96
O1 GOL L . -26.13 13.88 29.24
C2 GOL L . -26.93 13.24 31.40
O2 GOL L . -26.32 14.40 31.89
C3 GOL L . -25.90 12.12 31.40
O3 GOL L . -25.72 11.53 32.66
C1 GOL M . 9.47 7.21 19.34
O1 GOL M . 10.05 8.14 20.23
C2 GOL M . 10.32 5.98 19.04
O2 GOL M . 10.72 5.97 17.69
C3 GOL M . 9.42 4.79 19.12
O3 GOL M . 8.15 5.27 18.75
C1 GOL N . 1.18 -1.90 36.06
O1 GOL N . 2.11 -1.83 34.98
C2 GOL N . 0.26 -3.14 35.93
O2 GOL N . -0.49 -3.06 34.75
C3 GOL N . 1.00 -4.49 35.91
O3 GOL N . 0.15 -5.51 35.44
C1 GOL O . -0.17 13.64 41.92
O1 GOL O . 0.06 13.89 40.55
C2 GOL O . 0.23 12.20 42.21
O2 GOL O . 1.62 12.20 42.44
C3 GOL O . -0.16 11.30 41.05
O3 GOL O . -1.56 11.12 40.84
C1 GOL P . 9.94 29.16 19.10
O1 GOL P . 10.71 28.22 19.80
C2 GOL P . 9.24 28.33 18.06
O2 GOL P . 8.05 28.91 17.59
C3 GOL P . 10.19 28.10 16.91
O3 GOL P . 9.40 28.01 15.76
CHA HEM Q . -0.77 0.75 -20.25
CHB HEM Q . 0.80 -2.90 -23.09
CHC HEM Q . 5.25 -0.84 -23.40
CHD HEM Q . 3.82 2.57 -20.26
C1A HEM Q . -0.73 -0.43 -21.00
C2A HEM Q . -1.82 -1.34 -21.17
C3A HEM Q . -1.41 -2.31 -21.97
C4A HEM Q . 0.00 -2.11 -22.29
CMA HEM Q . -2.24 -3.55 -22.38
CAA HEM Q . -3.25 -1.10 -20.58
CBA HEM Q . -3.46 -2.24 -19.53
CGA HEM Q . -4.87 -2.18 -18.99
O1A HEM Q . -5.18 -2.90 -18.01
O2A HEM Q . -5.71 -1.39 -19.51
C1B HEM Q . 2.12 -2.64 -23.45
C2B HEM Q . 2.93 -3.44 -24.34
C3B HEM Q . 4.13 -2.85 -24.43
C4B HEM Q . 4.16 -1.71 -23.52
CMB HEM Q . 2.34 -4.65 -25.07
CAB HEM Q . 5.40 -3.30 -25.20
CBB HEM Q . 5.17 -4.08 -26.27
C1C HEM Q . 5.27 0.27 -22.58
C2C HEM Q . 6.39 1.19 -22.43
C3C HEM Q . 6.01 2.12 -21.56
C4C HEM Q . 4.62 1.87 -21.15
CMC HEM Q . 7.77 1.09 -23.15
CAC HEM Q . 6.88 3.26 -21.06
CBC HEM Q . 6.26 4.41 -20.76
C1D HEM Q . 2.49 2.34 -19.98
C2D HEM Q . 1.77 3.13 -19.03
C3D HEM Q . 0.35 2.62 -19.07
C4D HEM Q . 0.34 1.50 -19.99
CMD HEM Q . 2.27 4.34 -18.18
CAD HEM Q . -0.82 3.16 -18.22
CBD HEM Q . -1.65 4.08 -19.16
CGD HEM Q . -2.91 4.65 -18.49
O1D HEM Q . -3.35 4.04 -17.49
O2D HEM Q . -3.51 5.64 -19.00
NA HEM Q . 0.36 -0.92 -21.70
NB HEM Q . 2.90 -1.55 -23.00
NC HEM Q . 4.17 0.79 -21.89
ND HEM Q . 1.58 1.40 -20.61
FE HEM Q . 2.18 0.01 -21.88
S SO4 R . 3.96 16.44 -30.76
O1 SO4 R . 3.35 15.44 -31.65
O2 SO4 R . 4.81 15.81 -29.73
O3 SO4 R . 4.79 17.43 -31.48
O4 SO4 R . 2.84 17.16 -30.14
O5 QLE S . 4.76 -7.47 -14.82
C22 QLE S . 3.60 -7.29 -14.43
C20 QLE S . 3.15 -7.47 -12.99
C21 QLE S . 2.32 -8.73 -12.74
C19 QLE S . 2.27 -6.28 -12.57
C17 QLE S . 3.05 -4.97 -12.60
C18 QLE S . 4.23 -5.02 -11.62
C11 QLE S . 2.14 -3.73 -12.38
O3 QLE S . 1.34 -3.95 -11.22
C12 QLE S . 1.44 -3.04 -10.10
O4 QLE S . 2.32 -2.18 -10.07
C13 QLE S . 0.49 -3.29 -8.98
C14 QLE S . 0.78 -2.34 -7.79
N QLE S . -0.49 -2.08 -7.19
C16 QLE S . -1.11 -3.36 -6.79
C15 QLE S . -0.31 -1.13 -6.07
C9 QLE S . 1.11 -3.43 -13.49
C10 QLE S . 0.37 -2.11 -13.28
C8 QLE S . 1.77 -3.44 -14.83
O2 QLE S . 2.74 -2.71 -15.08
O1 QLE S . 1.23 -4.33 -15.84
C5 QLE S . 1.83 -4.29 -17.15
C6 QLE S . 0.97 -3.56 -18.20
C7 QLE S . 1.16 -2.09 -18.08
C3 QLE S . 2.11 -5.70 -17.58
C4 QLE S . 0.80 -6.52 -17.74
C2 QLE S . 3.08 -6.22 -16.52
C1 QLE S . 2.64 -6.84 -15.43
S SO4 T . 5.29 -20.46 -41.78
O1 SO4 T . 5.86 -21.51 -42.64
O2 SO4 T . 6.27 -19.38 -41.65
O3 SO4 T . 4.10 -19.83 -42.37
O4 SO4 T . 5.01 -21.10 -40.50
C1 GOL U . -2.06 -5.90 -11.72
O1 GOL U . -3.28 -5.20 -11.88
C2 GOL U . -2.06 -6.57 -10.34
O2 GOL U . -0.80 -7.04 -9.94
C3 GOL U . -2.42 -5.55 -9.29
O3 GOL U . -1.83 -5.99 -8.10
#